data_6C67
#
_entry.id   6C67
#
_cell.length_a   49.056
_cell.length_b   49.056
_cell.length_c   262.222
_cell.angle_alpha   90.00
_cell.angle_beta   90.00
_cell.angle_gamma   90.00
#
_symmetry.space_group_name_H-M   'P 41'
#
loop_
_entity.id
_entity.type
_entity.pdbx_description
1 polymer 'Adenosine kinase'
2 non-polymer (2R,3R,4S,5R)-2-(4-AMINO-5-IODO-7H-PYRROLO[2,3-D]PYRIMIDIN-7-YL)-5-(HYDROXYMETHYL)TETRAHYDROFURAN-3,4-DIOL
3 non-polymer 'SODIUM ION'
4 non-polymer GLYCEROL
5 non-polymer 'SULFATE ION'
6 water water
#
_entity_poly.entity_id   1
_entity_poly.type   'polypeptide(L)'
_entity_poly.pdbx_seq_one_letter_code
;MTIAVTGSIATDHLMRFPGRFSEQLLPEHLHKVSLSFLVDDLVMHRGGVAGNMAFAIGVLGGEVALVGAAGADFADYRDW
LKARGVNCDHVLISETAHTARFTCTTDVDMAQIASFYPGAMSEARNIKLADVVSAIGKPELVIIGANDPEAMFLHTEECR
KLGLAFAADPSQQLARLSGEEIRRLVNGAAYLFTNDYEWDLLLSKTGWSEADVMAQIDLRVTTLGPKGVDLVEPDGTTIH
VGVVPETSQTDPTGVGDAFRAGFLTGRSAGLGLERSAQLGSLVAVLVLESTGTQEWQWDYEAAASRLAGAYGEHAAAEIV
AVLA
;
_entity_poly.pdbx_strand_id   A,B
#
loop_
_chem_comp.id
_chem_comp.type
_chem_comp.name
_chem_comp.formula
5ID non-polymer (2R,3R,4S,5R)-2-(4-AMINO-5-IODO-7H-PYRROLO[2,3-D]PYRIMIDIN-7-YL)-5-(HYDROXYMETHYL)TETRAHYDROFURAN-3,4-DIOL 'C11 H13 I N4 O4'
GOL non-polymer GLYCEROL 'C3 H8 O3'
NA non-polymer 'SODIUM ION' 'Na 1'
SO4 non-polymer 'SULFATE ION' 'O4 S -2'
#
# COMPACT_ATOMS: atom_id res chain seq x y z
N THR A 2 26.41 -12.67 -19.11
CA THR A 2 25.99 -13.24 -20.39
C THR A 2 24.46 -13.27 -20.48
N ILE A 3 23.79 -13.27 -19.34
CA ILE A 3 22.34 -13.14 -19.27
C ILE A 3 22.01 -11.67 -19.04
N ALA A 4 21.19 -11.11 -19.92
CA ALA A 4 20.69 -9.74 -19.76
C ALA A 4 19.25 -9.79 -19.26
N VAL A 5 19.02 -9.26 -18.06
CA VAL A 5 17.72 -9.30 -17.41
C VAL A 5 17.08 -7.93 -17.61
N THR A 6 16.02 -7.88 -18.42
CA THR A 6 15.20 -6.69 -18.58
C THR A 6 13.91 -6.84 -17.78
N GLY A 7 13.43 -5.73 -17.24
CA GLY A 7 12.22 -5.73 -16.44
C GLY A 7 12.30 -4.66 -15.38
N SER A 8 11.32 -4.71 -14.47
CA SER A 8 11.15 -3.62 -13.51
C SER A 8 12.27 -3.60 -12.47
N ILE A 9 12.60 -2.39 -12.02
CA ILE A 9 13.44 -2.14 -10.87
C ILE A 9 12.59 -1.33 -9.90
N ALA A 10 12.51 -1.77 -8.65
CA ALA A 10 11.50 -1.20 -7.77
C ALA A 10 11.95 -1.23 -6.32
N THR A 11 11.20 -0.50 -5.51
CA THR A 11 11.23 -0.63 -4.05
C THR A 11 9.92 -1.27 -3.61
N ASP A 12 10.03 -2.38 -2.87
CA ASP A 12 8.87 -3.12 -2.39
C ASP A 12 8.57 -2.73 -0.95
N HIS A 13 7.33 -2.34 -0.69
CA HIS A 13 6.84 -2.06 0.65
C HIS A 13 5.90 -3.20 1.00
N LEU A 14 6.39 -4.14 1.80
CA LEU A 14 5.73 -5.40 2.08
C LEU A 14 5.18 -5.39 3.50
N MET A 15 3.90 -5.71 3.61
CA MET A 15 3.17 -5.70 4.87
C MET A 15 2.52 -7.06 5.06
N ARG A 16 2.31 -7.41 6.32
CA ARG A 16 1.67 -8.66 6.69
C ARG A 16 0.36 -8.37 7.38
N PHE A 17 -0.72 -8.93 6.85
CA PHE A 17 -2.02 -8.85 7.50
C PHE A 17 -2.22 -10.15 8.28
N PRO A 18 -2.38 -10.11 9.60
CA PRO A 18 -2.46 -11.36 10.36
C PRO A 18 -3.85 -12.00 10.32
N GLY A 19 -4.61 -11.69 9.28
CA GLY A 19 -5.94 -12.24 9.12
C GLY A 19 -6.12 -12.87 7.76
N ARG A 20 -7.36 -13.01 7.30
CA ARG A 20 -7.66 -13.62 6.01
C ARG A 20 -8.43 -12.64 5.15
N PHE A 21 -7.92 -12.40 3.93
CA PHE A 21 -8.65 -11.60 2.95
C PHE A 21 -9.94 -12.27 2.52
N SER A 22 -10.06 -13.59 2.67
CA SER A 22 -11.28 -14.29 2.26
C SER A 22 -12.52 -13.62 2.85
N GLU A 23 -12.37 -12.92 3.97
CA GLU A 23 -13.45 -12.16 4.57
C GLU A 23 -13.38 -10.74 4.00
N GLN A 24 -14.34 -10.41 3.12
CA GLN A 24 -14.47 -9.11 2.47
C GLN A 24 -13.90 -9.19 1.05
N VAL A 33 -17.51 0.20 -0.77
CA VAL A 33 -16.23 -0.47 -0.75
C VAL A 33 -15.22 0.36 0.04
N SER A 34 -14.72 -0.18 1.15
CA SER A 34 -13.71 0.51 1.95
C SER A 34 -12.89 -0.51 2.73
N LEU A 35 -12.04 -1.26 2.04
CA LEU A 35 -11.26 -2.30 2.70
C LEU A 35 -10.11 -1.68 3.48
N SER A 36 -9.95 -2.09 4.74
CA SER A 36 -8.91 -1.60 5.61
C SER A 36 -8.30 -2.76 6.39
N PHE A 37 -6.98 -2.91 6.31
CA PHE A 37 -6.27 -4.01 6.94
C PHE A 37 -5.27 -3.46 7.94
N LEU A 38 -5.44 -3.81 9.22
CA LEU A 38 -4.45 -3.48 10.23
C LEU A 38 -3.31 -4.50 10.13
N VAL A 39 -2.13 -4.03 9.77
CA VAL A 39 -0.99 -4.91 9.52
C VAL A 39 -0.04 -4.86 10.70
N ASP A 40 0.70 -5.95 10.90
CA ASP A 40 1.64 -6.06 12.01
C ASP A 40 3.09 -6.11 11.55
N ASP A 41 3.35 -5.87 10.26
CA ASP A 41 4.71 -5.79 9.75
C ASP A 41 4.71 -4.85 8.55
N LEU A 42 5.76 -4.06 8.42
CA LEU A 42 5.95 -3.18 7.28
C LEU A 42 7.44 -3.03 7.05
N VAL A 43 7.92 -3.49 5.89
CA VAL A 43 9.34 -3.42 5.58
C VAL A 43 9.53 -2.98 4.13
N MET A 44 10.63 -2.27 3.89
CA MET A 44 10.97 -1.77 2.57
C MET A 44 12.21 -2.50 2.08
N HIS A 45 12.15 -3.02 0.85
CA HIS A 45 13.17 -3.91 0.32
C HIS A 45 13.42 -3.60 -1.14
N ARG A 46 14.55 -4.10 -1.64
CA ARG A 46 14.86 -4.02 -3.07
C ARG A 46 13.97 -4.99 -3.84
N GLY A 47 13.47 -4.55 -4.99
CA GLY A 47 12.56 -5.36 -5.77
C GLY A 47 12.54 -4.98 -7.23
N GLY A 48 11.45 -5.34 -7.90
CA GLY A 48 11.39 -5.34 -9.34
C GLY A 48 11.78 -6.71 -9.85
N VAL A 49 11.12 -7.21 -10.90
CA VAL A 49 11.40 -8.58 -11.34
C VAL A 49 12.83 -8.69 -11.86
N ALA A 50 13.30 -7.68 -12.62
CA ALA A 50 14.66 -7.72 -13.14
C ALA A 50 15.67 -7.59 -12.00
N GLY A 51 15.41 -6.68 -11.05
CA GLY A 51 16.25 -6.62 -9.87
C GLY A 51 16.37 -7.96 -9.18
N ASN A 52 15.24 -8.62 -8.94
CA ASN A 52 15.24 -9.89 -8.21
C ASN A 52 15.99 -10.97 -8.97
N MET A 53 15.70 -11.10 -10.27
CA MET A 53 16.33 -12.15 -11.07
C MET A 53 17.83 -11.90 -11.21
N ALA A 54 18.23 -10.65 -11.47
CA ALA A 54 19.65 -10.33 -11.54
C ALA A 54 20.34 -10.62 -10.23
N PHE A 55 19.73 -10.21 -9.11
CA PHE A 55 20.32 -10.49 -7.80
C PHE A 55 20.53 -11.98 -7.60
N ALA A 56 19.52 -12.78 -7.92
CA ALA A 56 19.63 -14.22 -7.69
C ALA A 56 20.69 -14.86 -8.59
N ILE A 57 20.72 -14.47 -9.87
CA ILE A 57 21.74 -14.99 -10.77
C ILE A 57 23.13 -14.62 -10.28
N GLY A 58 23.30 -13.38 -9.82
CA GLY A 58 24.61 -12.97 -9.32
C GLY A 58 25.02 -13.72 -8.07
N VAL A 59 24.09 -13.86 -7.12
CA VAL A 59 24.39 -14.61 -5.90
C VAL A 59 24.78 -16.05 -6.23
N LEU A 60 24.13 -16.62 -7.25
CA LEU A 60 24.44 -18.00 -7.63
C LEU A 60 25.70 -18.11 -8.47
N GLY A 61 26.38 -17.00 -8.78
CA GLY A 61 27.63 -17.03 -9.50
C GLY A 61 27.53 -16.88 -11.00
N GLY A 62 26.38 -16.48 -11.52
CA GLY A 62 26.24 -16.28 -12.94
C GLY A 62 26.81 -14.96 -13.40
N GLU A 63 26.85 -14.79 -14.73
CA GLU A 63 27.25 -13.54 -15.37
C GLU A 63 25.98 -12.85 -15.84
N VAL A 64 25.63 -11.72 -15.21
CA VAL A 64 24.32 -11.13 -15.40
C VAL A 64 24.43 -9.61 -15.47
N ALA A 65 23.66 -9.01 -16.39
CA ALA A 65 23.57 -7.57 -16.54
C ALA A 65 22.12 -7.14 -16.38
N LEU A 66 21.88 -6.16 -15.51
CA LEU A 66 20.55 -5.60 -15.30
C LEU A 66 20.28 -4.46 -16.28
N VAL A 67 19.17 -4.54 -17.00
CA VAL A 67 18.83 -3.58 -18.04
C VAL A 67 17.42 -3.08 -17.76
N GLY A 68 17.31 -1.93 -17.12
CA GLY A 68 16.03 -1.35 -16.80
C GLY A 68 16.17 0.10 -16.41
N ALA A 69 15.05 0.69 -16.00
CA ALA A 69 14.98 2.11 -15.68
C ALA A 69 14.67 2.32 -14.21
N ALA A 70 15.53 3.08 -13.53
CA ALA A 70 15.33 3.46 -12.13
C ALA A 70 15.44 4.97 -12.00
N GLY A 71 15.17 5.45 -10.79
CA GLY A 71 15.32 6.86 -10.48
C GLY A 71 16.69 7.17 -9.90
N ALA A 72 16.90 8.46 -9.60
CA ALA A 72 18.19 8.92 -9.08
C ALA A 72 18.50 8.34 -7.71
N ASP A 73 17.51 7.80 -7.02
CA ASP A 73 17.68 7.16 -5.72
C ASP A 73 18.34 5.78 -5.80
N PHE A 74 18.87 5.39 -6.95
CA PHE A 74 19.28 4.02 -7.22
C PHE A 74 20.71 3.71 -6.79
N ALA A 75 21.41 4.64 -6.12
CA ALA A 75 22.83 4.43 -5.85
C ALA A 75 23.04 3.26 -4.89
N ASP A 76 22.29 3.22 -3.79
CA ASP A 76 22.47 2.14 -2.82
C ASP A 76 22.07 0.80 -3.41
N TYR A 77 20.96 0.76 -4.16
CA TYR A 77 20.57 -0.45 -4.86
C TYR A 77 21.67 -0.90 -5.81
N ARG A 78 22.28 0.04 -6.53
CA ARG A 78 23.35 -0.27 -7.47
C ARG A 78 24.53 -0.91 -6.74
N ASP A 79 24.95 -0.32 -5.62
CA ASP A 79 26.04 -0.91 -4.85
C ASP A 79 25.67 -2.30 -4.37
N TRP A 80 24.42 -2.46 -3.89
CA TRP A 80 23.96 -3.75 -3.40
C TRP A 80 24.02 -4.82 -4.47
N LEU A 81 23.64 -4.48 -5.70
CA LEU A 81 23.66 -5.45 -6.78
C LEU A 81 25.09 -5.70 -7.29
N LYS A 82 25.88 -4.64 -7.48
CA LYS A 82 27.25 -4.80 -7.94
C LYS A 82 28.07 -5.64 -6.98
N ALA A 83 27.84 -5.51 -5.68
CA ALA A 83 28.58 -6.30 -4.70
C ALA A 83 28.40 -7.79 -4.91
N ARG A 84 27.32 -8.21 -5.59
CA ARG A 84 27.05 -9.61 -5.87
C ARG A 84 27.25 -9.97 -7.34
N GLY A 85 27.97 -9.14 -8.08
CA GLY A 85 28.40 -9.46 -9.42
C GLY A 85 27.52 -8.97 -10.54
N VAL A 86 26.46 -8.24 -10.24
CA VAL A 86 25.54 -7.79 -11.28
C VAL A 86 26.13 -6.58 -11.98
N ASN A 87 26.12 -6.59 -13.31
CA ASN A 87 26.53 -5.43 -14.10
C ASN A 87 25.35 -4.48 -14.19
N CYS A 88 25.47 -3.32 -13.56
CA CYS A 88 24.42 -2.30 -13.60
C CYS A 88 24.77 -1.14 -14.51
N ASP A 89 25.79 -1.29 -15.36
CA ASP A 89 26.22 -0.20 -16.23
C ASP A 89 25.06 0.33 -17.07
N HIS A 90 24.18 -0.56 -17.52
CA HIS A 90 23.13 -0.21 -18.47
C HIS A 90 21.77 -0.04 -17.81
N VAL A 91 21.75 0.39 -16.55
CA VAL A 91 20.53 0.85 -15.91
C VAL A 91 20.33 2.31 -16.28
N LEU A 92 19.20 2.63 -16.92
CA LEU A 92 18.88 4.00 -17.26
C LEU A 92 18.36 4.72 -16.02
N ILE A 93 18.99 5.83 -15.66
CA ILE A 93 18.63 6.59 -14.47
C ILE A 93 17.85 7.81 -14.91
N SER A 94 16.56 7.83 -14.58
CA SER A 94 15.73 8.99 -14.92
C SER A 94 16.22 10.22 -14.16
N GLU A 95 16.30 11.35 -14.86
CA GLU A 95 16.66 12.59 -14.18
C GLU A 95 15.50 13.14 -13.35
N THR A 96 14.26 12.71 -13.62
CA THR A 96 13.09 13.32 -13.02
C THR A 96 12.23 12.34 -12.23
N ALA A 97 12.06 11.11 -12.71
CA ALA A 97 11.14 10.18 -12.06
C ALA A 97 11.84 9.45 -10.94
N HIS A 98 11.03 8.87 -10.04
CA HIS A 98 11.53 8.07 -8.94
C HIS A 98 11.40 6.58 -9.29
N THR A 99 12.23 5.77 -8.65
CA THR A 99 12.18 4.32 -8.87
C THR A 99 10.78 3.80 -8.58
N ALA A 100 10.34 2.84 -9.41
CA ALA A 100 9.01 2.25 -9.25
C ALA A 100 8.78 1.82 -7.81
N ARG A 101 7.51 1.82 -7.41
CA ARG A 101 7.13 1.43 -6.05
C ARG A 101 6.07 0.34 -6.09
N PHE A 102 6.38 -0.82 -5.52
CA PHE A 102 5.43 -1.90 -5.34
C PHE A 102 5.00 -1.90 -3.88
N THR A 103 3.69 -1.93 -3.64
CA THR A 103 3.15 -1.92 -2.28
C THR A 103 2.25 -3.14 -2.15
N CYS A 104 2.49 -3.97 -1.14
CA CYS A 104 1.80 -5.24 -1.07
C CYS A 104 1.48 -5.61 0.37
N THR A 105 0.27 -6.14 0.57
CA THR A 105 -0.14 -6.70 1.85
C THR A 105 -0.43 -8.18 1.63
N THR A 106 0.23 -9.04 2.41
CA THR A 106 0.05 -10.48 2.35
C THR A 106 -0.68 -10.95 3.60
N ASP A 107 -1.65 -11.84 3.42
CA ASP A 107 -2.45 -12.31 4.54
C ASP A 107 -1.90 -13.63 5.07
N VAL A 108 -2.62 -14.24 6.02
CA VAL A 108 -2.15 -15.46 6.66
C VAL A 108 -2.00 -16.59 5.66
N ASP A 109 -2.87 -16.64 4.65
CA ASP A 109 -2.86 -17.71 3.66
C ASP A 109 -1.97 -17.40 2.46
N MET A 110 -1.08 -16.41 2.56
CA MET A 110 -0.17 -16.02 1.49
C MET A 110 -0.90 -15.36 0.32
N ALA A 111 -2.17 -15.05 0.45
CA ALA A 111 -2.86 -14.22 -0.52
C ALA A 111 -2.32 -12.79 -0.42
N GLN A 112 -2.48 -12.04 -1.52
CA GLN A 112 -1.86 -10.71 -1.62
C GLN A 112 -2.79 -9.70 -2.26
N ILE A 113 -2.76 -8.47 -1.75
CA ILE A 113 -3.39 -7.32 -2.36
C ILE A 113 -2.33 -6.24 -2.52
N ALA A 114 -2.16 -5.74 -3.75
CA ALA A 114 -0.99 -4.91 -4.04
C ALA A 114 -1.34 -3.83 -5.05
N SER A 115 -0.51 -2.79 -5.04
CA SER A 115 -0.54 -1.71 -6.01
C SER A 115 0.87 -1.50 -6.56
N PHE A 116 0.98 -1.10 -7.82
CA PHE A 116 2.27 -0.86 -8.45
C PHE A 116 2.28 0.50 -9.12
N TYR A 117 3.21 1.36 -8.71
CA TYR A 117 3.40 2.68 -9.32
C TYR A 117 4.63 2.63 -10.19
N PRO A 118 4.49 2.74 -11.52
CA PRO A 118 5.66 2.51 -12.39
C PRO A 118 6.74 3.56 -12.27
N GLY A 119 6.39 4.83 -12.19
CA GLY A 119 7.39 5.88 -12.14
C GLY A 119 8.43 5.70 -13.24
N ALA A 120 9.71 5.75 -12.82
CA ALA A 120 10.80 5.71 -13.78
C ALA A 120 10.74 4.50 -14.69
N MET A 121 10.02 3.45 -14.31
CA MET A 121 9.95 2.26 -15.16
C MET A 121 9.48 2.63 -16.57
N SER A 122 8.60 3.63 -16.68
CA SER A 122 8.08 3.99 -17.99
C SER A 122 9.17 4.37 -18.98
N GLU A 123 10.34 4.82 -18.49
CA GLU A 123 11.41 5.24 -19.39
C GLU A 123 12.23 4.07 -19.93
N ALA A 124 11.95 2.83 -19.50
CA ALA A 124 12.66 1.69 -20.04
C ALA A 124 12.52 1.61 -21.55
N ARG A 125 11.43 2.14 -22.10
CA ARG A 125 11.21 2.13 -23.54
C ARG A 125 12.30 2.89 -24.30
N ASN A 126 13.13 3.66 -23.62
CA ASN A 126 14.21 4.37 -24.28
C ASN A 126 15.51 3.58 -24.31
N ILE A 127 15.52 2.35 -23.80
CA ILE A 127 16.73 1.55 -23.74
C ILE A 127 16.89 0.77 -25.03
N LYS A 128 18.11 0.77 -25.56
CA LYS A 128 18.44 0.04 -26.77
C LYS A 128 19.37 -1.11 -26.40
N LEU A 129 18.91 -2.34 -26.61
CA LEU A 129 19.76 -3.50 -26.35
C LEU A 129 20.96 -3.53 -27.28
N ALA A 130 20.94 -2.75 -28.37
CA ALA A 130 22.11 -2.65 -29.23
C ALA A 130 23.30 -2.08 -28.47
N ASP A 131 23.06 -1.11 -27.58
CA ASP A 131 24.15 -0.55 -26.80
C ASP A 131 24.72 -1.59 -25.85
N VAL A 132 23.85 -2.37 -25.20
CA VAL A 132 24.32 -3.42 -24.29
C VAL A 132 25.14 -4.45 -25.06
N VAL A 133 24.69 -4.82 -26.26
CA VAL A 133 25.46 -5.76 -27.08
C VAL A 133 26.82 -5.16 -27.42
N SER A 134 26.82 -3.92 -27.92
CA SER A 134 28.08 -3.27 -28.27
C SER A 134 29.02 -3.19 -27.07
N ALA A 135 28.48 -3.11 -25.85
CA ALA A 135 29.30 -2.89 -24.68
C ALA A 135 29.80 -4.16 -24.02
N ILE A 136 29.04 -5.25 -24.07
CA ILE A 136 29.46 -6.46 -23.35
C ILE A 136 29.13 -7.73 -24.14
N GLY A 137 29.15 -7.64 -25.47
CA GLY A 137 28.94 -8.79 -26.32
C GLY A 137 27.48 -9.21 -26.38
N LYS A 138 27.22 -10.21 -27.23
CA LYS A 138 25.85 -10.70 -27.40
C LYS A 138 25.45 -11.53 -26.16
N PRO A 139 24.37 -11.20 -25.47
CA PRO A 139 23.92 -12.05 -24.36
C PRO A 139 23.52 -13.42 -24.86
N GLU A 140 23.83 -14.44 -24.05
CA GLU A 140 23.36 -15.79 -24.35
C GLU A 140 21.86 -15.91 -24.17
N LEU A 141 21.26 -15.05 -23.33
CA LEU A 141 19.83 -15.02 -23.15
C LEU A 141 19.46 -13.66 -22.57
N VAL A 142 18.36 -13.10 -23.06
CA VAL A 142 17.78 -11.90 -22.47
C VAL A 142 16.41 -12.25 -21.94
N ILE A 143 16.14 -11.90 -20.70
CA ILE A 143 14.84 -12.14 -20.07
C ILE A 143 13.97 -10.91 -20.30
N ILE A 144 12.90 -11.07 -21.08
CA ILE A 144 11.93 -10.00 -21.32
C ILE A 144 10.91 -10.13 -20.18
N GLY A 145 11.24 -9.50 -19.04
CA GLY A 145 10.38 -9.54 -17.87
C GLY A 145 9.39 -8.40 -17.83
N ALA A 146 8.49 -8.48 -16.85
CA ALA A 146 7.49 -7.43 -16.67
C ALA A 146 8.17 -6.08 -16.60
N ASN A 147 7.67 -5.13 -17.37
CA ASN A 147 8.34 -3.86 -17.61
C ASN A 147 7.32 -2.87 -18.15
N ASP A 148 7.80 -1.69 -18.53
CA ASP A 148 7.01 -0.81 -19.37
C ASP A 148 6.53 -1.59 -20.59
N PRO A 149 5.22 -1.66 -20.86
CA PRO A 149 4.75 -2.50 -21.97
C PRO A 149 5.45 -2.23 -23.29
N GLU A 150 5.63 -0.96 -23.64
CA GLU A 150 6.32 -0.63 -24.88
C GLU A 150 7.77 -1.11 -24.83
N ALA A 151 8.41 -1.00 -23.66
CA ALA A 151 9.76 -1.51 -23.53
C ALA A 151 9.80 -3.02 -23.75
N MET A 152 8.82 -3.75 -23.21
CA MET A 152 8.76 -5.19 -23.43
C MET A 152 8.67 -5.51 -24.92
N PHE A 153 7.76 -4.82 -25.62
CA PHE A 153 7.60 -5.07 -27.05
C PHE A 153 8.90 -4.74 -27.80
N LEU A 154 9.47 -3.56 -27.54
CA LEU A 154 10.65 -3.12 -28.28
C LEU A 154 11.85 -4.02 -27.99
N HIS A 155 11.98 -4.48 -26.74
CA HIS A 155 13.06 -5.40 -26.40
C HIS A 155 12.90 -6.73 -27.15
N THR A 156 11.69 -7.27 -27.18
CA THR A 156 11.48 -8.52 -27.91
C THR A 156 11.77 -8.32 -29.40
N GLU A 157 11.34 -7.19 -29.96
CA GLU A 157 11.60 -6.92 -31.38
C GLU A 157 13.09 -6.78 -31.64
N GLU A 158 13.82 -6.11 -30.74
CA GLU A 158 15.25 -5.99 -30.90
C GLU A 158 15.93 -7.35 -30.86
N CYS A 159 15.46 -8.23 -29.97
CA CYS A 159 16.00 -9.58 -29.93
C CYS A 159 15.76 -10.30 -31.25
N ARG A 160 14.54 -10.21 -31.78
CA ARG A 160 14.25 -10.83 -33.06
C ARG A 160 15.17 -10.28 -34.16
N LYS A 161 15.40 -8.96 -34.14
CA LYS A 161 16.16 -8.32 -35.23
C LYS A 161 17.65 -8.63 -35.13
N LEU A 162 18.20 -8.64 -33.92
CA LEU A 162 19.61 -8.89 -33.70
C LEU A 162 19.95 -10.37 -33.54
N GLY A 163 18.94 -11.25 -33.53
CA GLY A 163 19.21 -12.68 -33.41
C GLY A 163 19.51 -13.16 -32.01
N LEU A 164 18.99 -12.46 -30.99
CA LEU A 164 19.25 -12.83 -29.60
C LEU A 164 18.16 -13.76 -29.09
N ALA A 165 18.58 -14.87 -28.48
CA ALA A 165 17.64 -15.74 -27.79
C ALA A 165 17.04 -15.00 -26.59
N PHE A 166 15.73 -15.14 -26.41
CA PHE A 166 15.05 -14.42 -25.35
C PHE A 166 14.07 -15.34 -24.64
N ALA A 167 13.74 -14.96 -23.41
CA ALA A 167 12.75 -15.64 -22.59
C ALA A 167 11.59 -14.68 -22.36
N ALA A 168 10.40 -15.07 -22.82
CA ALA A 168 9.19 -14.30 -22.56
C ALA A 168 8.74 -14.55 -21.13
N ASP A 169 8.67 -13.49 -20.31
CA ASP A 169 8.43 -13.63 -18.87
C ASP A 169 7.50 -12.50 -18.42
N PRO A 170 6.32 -12.40 -19.03
CA PRO A 170 5.47 -11.21 -18.79
C PRO A 170 4.83 -11.18 -17.41
N SER A 171 4.68 -12.33 -16.75
CA SER A 171 4.02 -12.47 -15.46
C SER A 171 3.11 -11.30 -15.09
N GLN A 172 3.59 -10.41 -14.22
CA GLN A 172 2.72 -9.43 -13.56
C GLN A 172 1.97 -8.56 -14.56
N GLN A 173 2.56 -8.29 -15.72
CA GLN A 173 1.96 -7.37 -16.69
C GLN A 173 0.99 -8.05 -17.64
N LEU A 174 0.80 -9.36 -17.54
CA LEU A 174 -0.11 -10.05 -18.46
C LEU A 174 -1.53 -9.50 -18.36
N ALA A 175 -1.95 -9.12 -17.15
CA ALA A 175 -3.30 -8.60 -16.98
C ALA A 175 -3.47 -7.23 -17.64
N ARG A 176 -2.40 -6.45 -17.74
CA ARG A 176 -2.46 -5.10 -18.28
C ARG A 176 -2.18 -5.05 -19.78
N LEU A 177 -1.57 -6.09 -20.33
CA LEU A 177 -1.34 -6.16 -21.77
C LEU A 177 -2.57 -6.69 -22.48
N SER A 178 -2.79 -6.21 -23.71
CA SER A 178 -3.87 -6.71 -24.54
C SER A 178 -3.47 -8.03 -25.21
N GLY A 179 -4.46 -8.67 -25.83
CA GLY A 179 -4.20 -9.94 -26.49
C GLY A 179 -3.15 -9.84 -27.59
N GLU A 180 -3.24 -8.81 -28.42
CA GLU A 180 -2.26 -8.64 -29.49
C GLU A 180 -0.87 -8.32 -28.92
N GLU A 181 -0.83 -7.47 -27.88
CA GLU A 181 0.44 -7.17 -27.24
C GLU A 181 1.09 -8.45 -26.71
N ILE A 182 0.29 -9.35 -26.13
CA ILE A 182 0.83 -10.60 -25.62
C ILE A 182 1.32 -11.46 -26.77
N ARG A 183 0.50 -11.61 -27.82
CA ARG A 183 0.90 -12.41 -28.97
C ARG A 183 2.23 -11.94 -29.53
N ARG A 184 2.49 -10.63 -29.50
CA ARG A 184 3.75 -10.11 -30.04
C ARG A 184 4.96 -10.44 -29.19
N LEU A 185 4.77 -10.90 -27.95
CA LEU A 185 5.90 -11.19 -27.07
C LEU A 185 6.34 -12.64 -27.10
N VAL A 186 5.57 -13.53 -27.75
CA VAL A 186 5.73 -14.97 -27.58
C VAL A 186 6.57 -15.58 -28.71
N ASN A 187 6.29 -15.24 -29.96
CA ASN A 187 6.88 -15.98 -31.07
C ASN A 187 8.39 -15.91 -31.03
N GLY A 188 9.03 -17.06 -31.19
CA GLY A 188 10.48 -17.17 -31.22
C GLY A 188 11.17 -17.31 -29.89
N ALA A 189 10.41 -17.29 -28.78
CA ALA A 189 11.01 -17.37 -27.47
C ALA A 189 11.68 -18.73 -27.25
N ALA A 190 12.88 -18.70 -26.67
CA ALA A 190 13.50 -19.93 -26.22
C ALA A 190 12.79 -20.48 -24.99
N TYR A 191 12.20 -19.60 -24.18
CA TYR A 191 11.43 -20.01 -23.02
C TYR A 191 10.19 -19.14 -22.89
N LEU A 192 9.11 -19.74 -22.41
CA LEU A 192 7.94 -19.01 -21.93
C LEU A 192 7.76 -19.35 -20.45
N PHE A 193 7.85 -18.33 -19.59
CA PHE A 193 7.65 -18.50 -18.17
C PHE A 193 6.31 -17.89 -17.76
N THR A 194 5.46 -18.69 -17.10
CA THR A 194 4.29 -18.17 -16.43
C THR A 194 4.00 -19.07 -15.24
N ASN A 195 3.08 -18.65 -14.38
CA ASN A 195 2.43 -19.56 -13.46
C ASN A 195 1.15 -20.08 -14.13
N ASP A 196 0.51 -21.06 -13.48
CA ASP A 196 -0.61 -21.74 -14.14
C ASP A 196 -1.78 -20.79 -14.37
N TYR A 197 -2.09 -19.93 -13.40
CA TYR A 197 -3.10 -18.91 -13.61
C TYR A 197 -2.73 -18.01 -14.79
N GLU A 198 -1.47 -17.55 -14.81
CA GLU A 198 -1.02 -16.70 -15.90
C GLU A 198 -1.05 -17.47 -17.23
N TRP A 199 -0.76 -18.76 -17.20
CA TRP A 199 -0.85 -19.56 -18.43
C TRP A 199 -2.27 -19.55 -18.99
N ASP A 200 -3.25 -19.82 -18.12
CA ASP A 200 -4.64 -19.82 -18.57
C ASP A 200 -5.07 -18.44 -19.05
N LEU A 201 -4.66 -17.38 -18.33
CA LEU A 201 -5.02 -16.03 -18.74
C LEU A 201 -4.39 -15.67 -20.08
N LEU A 202 -3.13 -16.06 -20.28
CA LEU A 202 -2.46 -15.82 -21.56
C LEU A 202 -3.21 -16.49 -22.70
N LEU A 203 -3.58 -17.75 -22.52
CA LEU A 203 -4.34 -18.45 -23.56
C LEU A 203 -5.66 -17.72 -23.83
N SER A 204 -6.39 -17.37 -22.77
CA SER A 204 -7.70 -16.76 -22.95
C SER A 204 -7.61 -15.40 -23.64
N LYS A 205 -6.57 -14.63 -23.32
CA LYS A 205 -6.46 -13.28 -23.87
C LYS A 205 -5.92 -13.29 -25.29
N THR A 206 -4.99 -14.20 -25.61
CA THR A 206 -4.47 -14.26 -26.96
C THR A 206 -5.40 -15.01 -27.92
N GLY A 207 -6.33 -15.81 -27.39
CA GLY A 207 -7.11 -16.69 -28.23
C GLY A 207 -6.36 -17.89 -28.76
N TRP A 208 -5.09 -18.05 -28.40
CA TRP A 208 -4.29 -19.16 -28.86
C TRP A 208 -4.62 -20.43 -28.06
N SER A 209 -4.41 -21.57 -28.70
CA SER A 209 -4.51 -22.84 -28.01
C SER A 209 -3.14 -23.23 -27.45
N GLU A 210 -3.15 -24.23 -26.57
CA GLU A 210 -1.90 -24.82 -26.09
C GLU A 210 -0.97 -25.11 -27.25
N ALA A 211 -1.49 -25.79 -28.29
CA ALA A 211 -0.67 -26.14 -29.45
C ALA A 211 -0.21 -24.90 -30.19
N ASP A 212 -1.10 -23.93 -30.39
CA ASP A 212 -0.69 -22.68 -31.04
C ASP A 212 0.52 -22.08 -30.35
N VAL A 213 0.52 -22.08 -29.02
CA VAL A 213 1.65 -21.50 -28.29
C VAL A 213 2.89 -22.37 -28.47
N MET A 214 2.76 -23.68 -28.23
CA MET A 214 3.93 -24.54 -28.26
C MET A 214 4.59 -24.56 -29.64
N ALA A 215 3.82 -24.29 -30.70
CA ALA A 215 4.40 -24.25 -32.03
C ALA A 215 5.37 -23.10 -32.22
N GLN A 216 5.34 -22.10 -31.33
CA GLN A 216 6.12 -20.87 -31.50
C GLN A 216 7.29 -20.75 -30.54
N ILE A 217 7.42 -21.64 -29.56
CA ILE A 217 8.43 -21.52 -28.53
C ILE A 217 9.20 -22.84 -28.44
N ASP A 218 10.38 -22.75 -27.81
CA ASP A 218 11.23 -23.92 -27.63
C ASP A 218 10.91 -24.69 -26.35
N LEU A 219 10.36 -24.02 -25.34
CA LEU A 219 10.03 -24.69 -24.09
C LEU A 219 9.04 -23.83 -23.31
N ARG A 220 8.04 -24.48 -22.73
CA ARG A 220 7.10 -23.83 -21.84
C ARG A 220 7.44 -24.21 -20.40
N VAL A 221 7.61 -23.21 -19.54
CA VAL A 221 7.86 -23.43 -18.12
C VAL A 221 6.69 -22.82 -17.36
N THR A 222 5.93 -23.67 -16.68
CA THR A 222 4.73 -23.25 -15.96
C THR A 222 4.87 -23.65 -14.50
N THR A 223 5.01 -22.67 -13.62
CA THR A 223 5.08 -22.94 -12.19
C THR A 223 3.68 -23.19 -11.65
N LEU A 224 3.61 -24.01 -10.60
CA LEU A 224 2.34 -24.53 -10.10
C LEU A 224 2.18 -24.29 -8.60
N GLY A 225 2.87 -23.29 -8.06
CA GLY A 225 2.83 -23.04 -6.64
C GLY A 225 3.23 -24.25 -5.83
N PRO A 226 2.35 -24.75 -4.98
CA PRO A 226 2.71 -25.90 -4.13
C PRO A 226 2.91 -27.18 -4.90
N LYS A 227 2.42 -27.27 -6.13
CA LYS A 227 2.55 -28.49 -6.91
C LYS A 227 3.80 -28.51 -7.77
N GLY A 228 4.65 -27.50 -7.67
CA GLY A 228 5.95 -27.52 -8.31
C GLY A 228 5.95 -26.79 -9.64
N VAL A 229 6.49 -27.43 -10.67
CA VAL A 229 6.66 -26.79 -11.97
C VAL A 229 6.62 -27.85 -13.06
N ASP A 230 6.10 -27.45 -14.21
CA ASP A 230 6.09 -28.26 -15.42
C ASP A 230 7.01 -27.61 -16.45
N LEU A 231 7.79 -28.45 -17.13
CA LEU A 231 8.62 -28.04 -18.25
C LEU A 231 8.18 -28.90 -19.45
N VAL A 232 7.57 -28.25 -20.43
CA VAL A 232 6.86 -28.91 -21.51
C VAL A 232 7.51 -28.52 -22.83
N GLU A 233 7.97 -29.53 -23.58
CA GLU A 233 8.52 -29.34 -24.90
C GLU A 233 7.42 -29.34 -25.95
N PRO A 234 7.69 -28.80 -27.14
CA PRO A 234 6.64 -28.74 -28.16
C PRO A 234 6.08 -30.10 -28.55
N ASP A 235 6.88 -31.17 -28.48
CA ASP A 235 6.40 -32.50 -28.83
C ASP A 235 5.66 -33.18 -27.69
N GLY A 236 5.34 -32.46 -26.62
CA GLY A 236 4.62 -33.01 -25.50
C GLY A 236 5.48 -33.59 -24.40
N THR A 237 6.78 -33.76 -24.62
CA THR A 237 7.67 -34.28 -23.59
C THR A 237 7.62 -33.34 -22.38
N THR A 238 7.23 -33.90 -21.23
CA THR A 238 6.94 -33.11 -20.03
C THR A 238 7.76 -33.62 -18.87
N ILE A 239 8.42 -32.70 -18.17
CA ILE A 239 9.10 -32.97 -16.91
C ILE A 239 8.33 -32.24 -15.81
N HIS A 240 7.91 -32.98 -14.79
CA HIS A 240 7.28 -32.40 -13.62
C HIS A 240 8.27 -32.46 -12.46
N VAL A 241 8.48 -31.33 -11.80
CA VAL A 241 9.37 -31.26 -10.64
C VAL A 241 8.56 -30.72 -9.47
N GLY A 242 8.45 -31.53 -8.42
CA GLY A 242 7.77 -31.09 -7.22
C GLY A 242 8.60 -30.09 -6.43
N VAL A 243 7.93 -29.43 -5.48
CA VAL A 243 8.59 -28.36 -4.75
C VAL A 243 9.66 -28.92 -3.83
N VAL A 244 10.59 -28.04 -3.45
CA VAL A 244 11.37 -28.22 -2.23
C VAL A 244 10.44 -27.80 -1.11
N PRO A 245 9.83 -28.72 -0.36
CA PRO A 245 8.74 -28.33 0.55
C PRO A 245 9.17 -27.27 1.55
N GLU A 246 8.30 -26.30 1.77
CA GLU A 246 8.59 -25.20 2.68
C GLU A 246 8.48 -25.66 4.13
N THR A 247 9.27 -25.01 4.99
CA THR A 247 9.17 -25.20 6.43
C THR A 247 8.95 -23.90 7.19
N SER A 248 9.10 -22.75 6.55
CA SER A 248 8.91 -21.47 7.22
C SER A 248 8.46 -20.42 6.21
N GLN A 249 7.47 -20.75 5.39
CA GLN A 249 6.97 -19.81 4.40
C GLN A 249 6.45 -18.55 5.10
N THR A 250 6.64 -17.40 4.45
CA THR A 250 6.29 -16.13 5.08
C THR A 250 5.72 -15.12 4.10
N ASP A 251 6.30 -14.98 2.91
CA ASP A 251 5.83 -14.01 1.94
C ASP A 251 6.13 -14.53 0.53
N PRO A 252 5.13 -14.67 -0.34
CA PRO A 252 5.36 -15.24 -1.67
C PRO A 252 5.90 -14.27 -2.70
N THR A 253 6.19 -13.02 -2.33
CA THR A 253 6.70 -12.06 -3.29
C THR A 253 8.07 -12.48 -3.80
N GLY A 254 8.24 -12.48 -5.12
CA GLY A 254 9.50 -12.77 -5.75
C GLY A 254 9.81 -14.24 -5.93
N VAL A 255 8.89 -15.13 -5.55
CA VAL A 255 9.16 -16.57 -5.65
C VAL A 255 9.36 -16.98 -7.09
N GLY A 256 8.53 -16.46 -8.00
CA GLY A 256 8.69 -16.78 -9.41
C GLY A 256 9.99 -16.27 -9.99
N ASP A 257 10.34 -15.02 -9.65
CA ASP A 257 11.64 -14.48 -10.07
C ASP A 257 12.76 -15.40 -9.60
N ALA A 258 12.69 -15.82 -8.33
CA ALA A 258 13.72 -16.70 -7.78
C ALA A 258 13.80 -18.01 -8.56
N PHE A 259 12.65 -18.60 -8.88
CA PHE A 259 12.67 -19.85 -9.62
C PHE A 259 13.32 -19.65 -10.98
N ARG A 260 12.89 -18.61 -11.71
CA ARG A 260 13.45 -18.33 -13.02
C ARG A 260 14.96 -18.16 -12.94
N ALA A 261 15.44 -17.44 -11.92
CA ALA A 261 16.87 -17.20 -11.78
C ALA A 261 17.63 -18.49 -11.51
N GLY A 262 17.18 -19.28 -10.54
CA GLY A 262 17.85 -20.54 -10.27
C GLY A 262 17.86 -21.45 -11.49
N PHE A 263 16.71 -21.57 -12.15
CA PHE A 263 16.60 -22.43 -13.33
C PHE A 263 17.57 -21.97 -14.42
N LEU A 264 17.57 -20.68 -14.74
CA LEU A 264 18.41 -20.18 -15.83
C LEU A 264 19.88 -20.22 -15.47
N THR A 265 20.22 -20.01 -14.19
CA THR A 265 21.60 -20.21 -13.77
C THR A 265 22.03 -21.65 -13.97
N GLY A 266 21.15 -22.60 -13.61
CA GLY A 266 21.46 -23.99 -13.84
C GLY A 266 21.66 -24.31 -15.31
N ARG A 267 20.79 -23.78 -16.17
CA ARG A 267 20.94 -23.99 -17.61
C ARG A 267 22.25 -23.40 -18.11
N SER A 268 22.55 -22.17 -17.68
CA SER A 268 23.80 -21.52 -18.08
C SER A 268 25.01 -22.30 -17.61
N ALA A 269 24.88 -23.02 -16.49
CA ALA A 269 25.95 -23.88 -16.00
C ALA A 269 25.97 -25.23 -16.71
N GLY A 270 25.03 -25.48 -17.63
CA GLY A 270 25.03 -26.71 -18.40
C GLY A 270 24.21 -27.85 -17.84
N LEU A 271 23.43 -27.60 -16.79
CA LEU A 271 22.58 -28.65 -16.24
C LEU A 271 21.37 -28.90 -17.14
N GLY A 272 20.83 -30.11 -17.06
CA GLY A 272 19.62 -30.45 -17.78
C GLY A 272 18.40 -29.72 -17.23
N LEU A 273 17.27 -29.94 -17.90
CA LEU A 273 16.05 -29.25 -17.52
C LEU A 273 15.61 -29.63 -16.12
N GLU A 274 15.59 -30.93 -15.82
CA GLU A 274 15.13 -31.37 -14.50
C GLU A 274 16.02 -30.84 -13.39
N ARG A 275 17.35 -30.96 -13.57
CA ARG A 275 18.28 -30.48 -12.55
C ARG A 275 18.16 -28.97 -12.35
N SER A 276 18.11 -28.22 -13.46
CA SER A 276 17.95 -26.78 -13.37
C SER A 276 16.67 -26.41 -12.65
N ALA A 277 15.58 -27.13 -12.95
CA ALA A 277 14.30 -26.86 -12.29
C ALA A 277 14.36 -27.19 -10.81
N GLN A 278 15.13 -28.21 -10.43
CA GLN A 278 15.31 -28.51 -9.00
C GLN A 278 16.06 -27.37 -8.30
N LEU A 279 17.09 -26.83 -8.95
CA LEU A 279 17.78 -25.67 -8.38
C LEU A 279 16.85 -24.47 -8.27
N GLY A 280 16.07 -24.22 -9.32
CA GLY A 280 15.09 -23.15 -9.26
C GLY A 280 14.11 -23.34 -8.12
N SER A 281 13.68 -24.60 -7.90
CA SER A 281 12.77 -24.88 -6.80
C SER A 281 13.40 -24.52 -5.45
N LEU A 282 14.69 -24.83 -5.30
CA LEU A 282 15.37 -24.47 -4.06
C LEU A 282 15.40 -22.96 -3.85
N VAL A 283 15.84 -22.21 -4.87
CA VAL A 283 15.91 -20.75 -4.71
C VAL A 283 14.52 -20.20 -4.43
N ALA A 284 13.50 -20.78 -5.07
CA ALA A 284 12.14 -20.30 -4.90
C ALA A 284 11.66 -20.50 -3.47
N VAL A 285 11.96 -21.66 -2.87
CA VAL A 285 11.51 -21.83 -1.49
C VAL A 285 12.30 -20.92 -0.56
N LEU A 286 13.58 -20.69 -0.84
CA LEU A 286 14.34 -19.75 0.00
C LEU A 286 13.73 -18.35 -0.03
N VAL A 287 13.23 -17.93 -1.20
CA VAL A 287 12.56 -16.63 -1.25
C VAL A 287 11.22 -16.69 -0.53
N LEU A 288 10.47 -17.79 -0.71
CA LEU A 288 9.20 -17.94 -0.02
C LEU A 288 9.35 -17.82 1.48
N GLU A 289 10.49 -18.28 2.01
CA GLU A 289 10.76 -18.27 3.45
C GLU A 289 11.45 -16.99 3.89
N SER A 290 11.48 -15.97 3.05
CA SER A 290 11.96 -14.64 3.42
C SER A 290 10.89 -13.61 3.06
N THR A 291 10.95 -12.46 3.75
CA THR A 291 9.99 -11.40 3.47
C THR A 291 10.32 -10.69 2.16
N GLY A 292 11.48 -10.04 2.10
CA GLY A 292 11.89 -9.39 0.87
C GLY A 292 12.27 -10.39 -0.21
N THR A 293 12.22 -9.93 -1.45
CA THR A 293 12.54 -10.78 -2.59
C THR A 293 14.03 -11.10 -2.68
N GLN A 294 14.89 -10.25 -2.09
CA GLN A 294 16.33 -10.45 -2.10
C GLN A 294 16.90 -10.56 -0.70
N GLU A 295 16.07 -10.94 0.26
CA GLU A 295 16.48 -11.09 1.66
C GLU A 295 16.99 -12.47 1.99
N TRP A 296 16.94 -13.40 1.04
CA TRP A 296 17.40 -14.76 1.27
C TRP A 296 18.93 -14.82 1.26
N GLN A 297 19.44 -15.86 1.91
CA GLN A 297 20.88 -16.11 2.03
C GLN A 297 21.19 -17.44 1.39
N TRP A 298 22.38 -17.53 0.78
CA TRP A 298 22.82 -18.75 0.12
C TRP A 298 23.72 -19.54 1.06
N ASP A 299 23.24 -20.69 1.51
CA ASP A 299 24.00 -21.61 2.36
C ASP A 299 24.22 -22.90 1.57
N TYR A 300 25.47 -23.17 1.21
CA TYR A 300 25.79 -24.33 0.37
C TYR A 300 25.33 -25.63 1.02
N GLU A 301 25.55 -25.77 2.33
CA GLU A 301 25.23 -27.02 3.01
C GLU A 301 23.73 -27.21 3.15
N ALA A 302 23.02 -26.17 3.57
CA ALA A 302 21.56 -26.25 3.64
C ALA A 302 20.96 -26.52 2.27
N ALA A 303 21.55 -25.93 1.23
CA ALA A 303 21.08 -26.17 -0.13
C ALA A 303 21.24 -27.64 -0.50
N ALA A 304 22.45 -28.19 -0.33
CA ALA A 304 22.67 -29.60 -0.62
C ALA A 304 21.68 -30.46 0.16
N SER A 305 21.49 -30.17 1.44
CA SER A 305 20.64 -31.00 2.28
C SER A 305 19.20 -31.00 1.79
N ARG A 306 18.62 -29.82 1.54
CA ARG A 306 17.22 -29.77 1.15
C ARG A 306 17.01 -30.32 -0.26
N LEU A 307 17.96 -30.05 -1.16
CA LEU A 307 17.91 -30.66 -2.49
C LEU A 307 17.92 -32.18 -2.37
N ALA A 308 18.81 -32.73 -1.55
CA ALA A 308 18.89 -34.18 -1.39
C ALA A 308 17.59 -34.72 -0.80
N GLY A 309 17.08 -34.08 0.24
CA GLY A 309 15.83 -34.53 0.82
C GLY A 309 14.70 -34.59 -0.19
N ALA A 310 14.66 -33.62 -1.12
CA ALA A 310 13.55 -33.57 -2.06
C ALA A 310 13.77 -34.45 -3.29
N TYR A 311 14.99 -34.52 -3.82
CA TYR A 311 15.24 -35.09 -5.12
C TYR A 311 16.28 -36.20 -5.15
N GLY A 312 17.01 -36.43 -4.07
CA GLY A 312 18.00 -37.49 -4.06
C GLY A 312 19.42 -36.96 -3.97
N GLU A 313 20.29 -37.76 -3.35
CA GLU A 313 21.67 -37.35 -3.14
C GLU A 313 22.37 -37.09 -4.45
N HIS A 314 22.13 -37.92 -5.47
CA HIS A 314 22.81 -37.73 -6.75
C HIS A 314 22.41 -36.41 -7.39
N ALA A 315 21.12 -36.10 -7.40
CA ALA A 315 20.67 -34.83 -7.94
C ALA A 315 21.28 -33.66 -7.17
N ALA A 316 21.26 -33.73 -5.84
CA ALA A 316 21.80 -32.63 -5.05
C ALA A 316 23.29 -32.45 -5.32
N ALA A 317 24.04 -33.55 -5.40
CA ALA A 317 25.47 -33.44 -5.66
C ALA A 317 25.74 -32.85 -7.03
N GLU A 318 25.02 -33.33 -8.05
CA GLU A 318 25.18 -32.77 -9.40
C GLU A 318 24.91 -31.28 -9.40
N ILE A 319 23.83 -30.84 -8.74
CA ILE A 319 23.49 -29.43 -8.75
C ILE A 319 24.56 -28.61 -8.04
N VAL A 320 24.90 -28.98 -6.79
CA VAL A 320 25.84 -28.17 -6.04
C VAL A 320 27.23 -28.20 -6.66
N ALA A 321 27.54 -29.20 -7.50
CA ALA A 321 28.84 -29.24 -8.16
C ALA A 321 29.08 -27.98 -9.00
N VAL A 322 28.03 -27.48 -9.65
CA VAL A 322 28.18 -26.35 -10.57
C VAL A 322 27.92 -25.04 -9.84
N THR B 2 -9.61 25.81 24.21
CA THR B 2 -8.52 24.92 23.83
C THR B 2 -9.03 23.50 23.65
N ILE B 3 -8.74 22.91 22.49
CA ILE B 3 -9.17 21.57 22.14
C ILE B 3 -7.95 20.67 22.12
N ALA B 4 -8.02 19.56 22.85
CA ALA B 4 -6.97 18.56 22.85
C ALA B 4 -7.40 17.41 21.94
N VAL B 5 -6.65 17.21 20.86
CA VAL B 5 -6.96 16.21 19.85
C VAL B 5 -6.06 15.01 20.11
N THR B 6 -6.66 13.90 20.55
CA THR B 6 -5.95 12.63 20.66
C THR B 6 -6.32 11.73 19.49
N GLY B 7 -5.36 10.93 19.06
CA GLY B 7 -5.56 10.03 17.95
C GLY B 7 -4.27 9.84 17.18
N SER B 8 -4.39 9.18 16.03
CA SER B 8 -3.21 8.74 15.31
C SER B 8 -2.48 9.92 14.67
N ILE B 9 -1.16 9.77 14.59
CA ILE B 9 -0.27 10.63 13.83
C ILE B 9 0.42 9.72 12.82
N ALA B 10 0.39 10.08 11.55
CA ALA B 10 0.78 9.11 10.53
C ALA B 10 1.37 9.78 9.31
N THR B 11 1.99 8.96 8.47
CA THR B 11 2.34 9.33 7.10
C THR B 11 1.42 8.56 6.16
N ASP B 12 0.72 9.29 5.30
CA ASP B 12 -0.22 8.69 4.35
C ASP B 12 0.47 8.52 2.99
N HIS B 13 0.43 7.32 2.44
CA HIS B 13 0.90 7.03 1.09
C HIS B 13 -0.35 6.79 0.26
N LEU B 14 -0.73 7.78 -0.53
CA LEU B 14 -2.01 7.80 -1.24
C LEU B 14 -1.76 7.59 -2.72
N MET B 15 -2.48 6.63 -3.28
CA MET B 15 -2.36 6.24 -4.68
C MET B 15 -3.72 6.29 -5.34
N ARG B 16 -3.71 6.49 -6.65
CA ARG B 16 -4.94 6.54 -7.44
C ARG B 16 -4.94 5.39 -8.43
N PHE B 17 -5.99 4.58 -8.37
CA PHE B 17 -6.19 3.51 -9.34
C PHE B 17 -7.18 3.99 -10.40
N PRO B 18 -6.80 4.05 -11.68
CA PRO B 18 -7.71 4.61 -12.69
C PRO B 18 -8.81 3.66 -13.13
N GLY B 19 -9.14 2.68 -12.28
CA GLY B 19 -10.18 1.72 -12.62
C GLY B 19 -11.22 1.59 -11.53
N ARG B 20 -11.90 0.45 -11.49
CA ARG B 20 -12.93 0.19 -10.49
C ARG B 20 -12.56 -1.07 -9.71
N PHE B 21 -12.52 -0.95 -8.38
CA PHE B 21 -12.34 -2.15 -7.56
C PHE B 21 -13.55 -3.07 -7.69
N SER B 22 -14.73 -2.49 -7.94
CA SER B 22 -15.95 -3.27 -8.11
C SER B 22 -15.82 -4.32 -9.21
N GLU B 23 -14.93 -4.11 -10.18
CA GLU B 23 -14.75 -5.08 -11.27
C GLU B 23 -13.72 -6.14 -10.93
N GLN B 24 -12.57 -5.76 -10.37
CA GLN B 24 -11.59 -6.75 -9.94
C GLN B 24 -11.97 -7.42 -8.63
N LEU B 25 -13.05 -6.97 -7.98
CA LEU B 25 -13.52 -7.56 -6.74
C LEU B 25 -12.44 -7.51 -5.67
N VAL B 33 -7.04 -15.06 -3.92
CA VAL B 33 -6.93 -13.61 -3.97
C VAL B 33 -5.52 -13.20 -4.36
N SER B 34 -5.39 -12.46 -5.46
CA SER B 34 -4.11 -11.91 -5.90
C SER B 34 -4.43 -10.62 -6.65
N LEU B 35 -4.93 -9.65 -5.89
CA LEU B 35 -5.34 -8.37 -6.47
C LEU B 35 -4.13 -7.48 -6.70
N SER B 36 -4.05 -6.91 -7.90
CA SER B 36 -2.95 -6.03 -8.28
C SER B 36 -3.52 -4.86 -9.05
N PHE B 37 -3.23 -3.65 -8.60
CA PHE B 37 -3.75 -2.42 -9.19
C PHE B 37 -2.58 -1.59 -9.70
N LEU B 38 -2.56 -1.34 -11.00
CA LEU B 38 -1.59 -0.42 -11.58
C LEU B 38 -2.09 1.00 -11.33
N VAL B 39 -1.36 1.77 -10.52
CA VAL B 39 -1.80 3.08 -10.10
C VAL B 39 -1.03 4.14 -10.89
N ASP B 40 -1.65 5.31 -11.07
CA ASP B 40 -1.06 6.39 -11.84
C ASP B 40 -0.71 7.60 -10.98
N ASP B 41 -0.81 7.48 -9.66
CA ASP B 41 -0.40 8.54 -8.75
C ASP B 41 0.06 7.91 -7.45
N LEU B 42 1.10 8.49 -6.87
CA LEU B 42 1.60 8.06 -5.57
C LEU B 42 2.19 9.28 -4.87
N VAL B 43 1.62 9.68 -3.75
CA VAL B 43 2.11 10.83 -3.01
C VAL B 43 2.13 10.51 -1.52
N MET B 44 3.09 11.09 -0.82
CA MET B 44 3.25 10.91 0.62
C MET B 44 2.94 12.22 1.32
N HIS B 45 2.07 12.15 2.33
CA HIS B 45 1.50 13.34 2.96
C HIS B 45 1.41 13.15 4.48
N ARG B 46 1.24 14.26 5.17
CA ARG B 46 0.99 14.23 6.60
C ARG B 46 -0.42 13.71 6.87
N GLY B 47 -0.57 12.87 7.88
CA GLY B 47 -1.85 12.26 8.18
C GLY B 47 -1.97 11.79 9.61
N GLY B 48 -2.89 10.86 9.83
CA GLY B 48 -3.36 10.51 11.16
C GLY B 48 -4.56 11.37 11.49
N VAL B 49 -5.57 10.82 12.17
CA VAL B 49 -6.79 11.57 12.41
C VAL B 49 -6.52 12.77 13.31
N ALA B 50 -5.69 12.58 14.33
CA ALA B 50 -5.36 13.69 15.23
C ALA B 50 -4.53 14.74 14.50
N GLY B 51 -3.55 14.31 13.71
CA GLY B 51 -2.83 15.25 12.88
C GLY B 51 -3.75 16.08 12.01
N ASN B 52 -4.67 15.42 11.31
CA ASN B 52 -5.56 16.12 10.38
C ASN B 52 -6.46 17.09 11.12
N MET B 53 -7.09 16.64 12.21
CA MET B 53 -8.03 17.49 12.93
C MET B 53 -7.30 18.67 13.57
N ALA B 54 -6.13 18.42 14.19
CA ALA B 54 -5.36 19.51 14.77
C ALA B 54 -4.95 20.52 13.71
N PHE B 55 -4.47 20.03 12.55
CA PHE B 55 -4.07 20.92 11.48
C PHE B 55 -5.25 21.79 11.03
N ALA B 56 -6.41 21.19 10.84
CA ALA B 56 -7.56 21.96 10.37
C ALA B 56 -8.01 22.99 11.41
N ILE B 57 -8.04 22.59 12.69
CA ILE B 57 -8.42 23.53 13.74
C ILE B 57 -7.44 24.69 13.79
N GLY B 58 -6.14 24.40 13.64
CA GLY B 58 -5.15 25.46 13.66
C GLY B 58 -5.28 26.39 12.47
N VAL B 59 -5.46 25.83 11.27
CA VAL B 59 -5.63 26.66 10.08
C VAL B 59 -6.85 27.55 10.23
N LEU B 60 -7.91 27.04 10.86
CA LEU B 60 -9.13 27.83 11.06
C LEU B 60 -9.00 28.82 12.22
N GLY B 61 -7.88 28.84 12.92
CA GLY B 61 -7.66 29.83 13.97
C GLY B 61 -8.03 29.39 15.37
N GLY B 62 -8.26 28.11 15.60
CA GLY B 62 -8.56 27.64 16.93
C GLY B 62 -7.32 27.45 17.78
N GLU B 63 -7.53 27.17 19.06
CA GLU B 63 -6.46 26.85 19.99
C GLU B 63 -6.49 25.33 20.19
N VAL B 64 -5.45 24.65 19.72
CA VAL B 64 -5.49 23.20 19.61
C VAL B 64 -4.13 22.61 20.01
N ALA B 65 -4.19 21.50 20.73
CA ALA B 65 -3.01 20.75 21.14
C ALA B 65 -3.12 19.32 20.62
N LEU B 66 -2.07 18.87 19.94
CA LEU B 66 -2.00 17.50 19.44
C LEU B 66 -1.41 16.58 20.50
N VAL B 67 -2.12 15.49 20.80
CA VAL B 67 -1.72 14.57 21.87
C VAL B 67 -1.70 13.16 21.27
N GLY B 68 -0.52 12.71 20.87
CA GLY B 68 -0.39 11.38 20.28
C GLY B 68 1.06 10.96 20.24
N ALA B 69 1.29 9.81 19.62
CA ALA B 69 2.62 9.20 19.57
C ALA B 69 3.13 9.13 18.15
N ALA B 70 4.33 9.67 17.93
CA ALA B 70 5.01 9.60 16.65
C ALA B 70 6.43 9.07 16.84
N GLY B 71 7.12 8.85 15.73
CA GLY B 71 8.50 8.42 15.77
C GLY B 71 9.47 9.59 15.71
N ALA B 72 10.77 9.26 15.76
CA ALA B 72 11.80 10.28 15.75
C ALA B 72 11.83 11.08 14.45
N ASP B 73 11.16 10.59 13.40
CA ASP B 73 11.05 11.28 12.14
C ASP B 73 10.05 12.44 12.16
N PHE B 74 9.57 12.83 13.33
CA PHE B 74 8.44 13.75 13.45
C PHE B 74 8.82 15.23 13.42
N ALA B 75 10.09 15.56 13.20
CA ALA B 75 10.53 16.95 13.33
C ALA B 75 9.87 17.85 12.28
N ASP B 76 9.90 17.44 11.02
CA ASP B 76 9.33 18.27 9.97
C ASP B 76 7.82 18.39 10.12
N TYR B 77 7.15 17.28 10.45
CA TYR B 77 5.72 17.32 10.77
C TYR B 77 5.44 18.30 11.89
N ARG B 78 6.28 18.27 12.94
CA ARG B 78 6.13 19.18 14.07
C ARG B 78 6.20 20.63 13.62
N ASP B 79 7.22 20.96 12.80
CA ASP B 79 7.32 22.32 12.29
C ASP B 79 6.09 22.69 11.46
N TRP B 80 5.64 21.76 10.62
CA TRP B 80 4.48 22.00 9.76
C TRP B 80 3.24 22.32 10.59
N LEU B 81 3.04 21.59 11.69
CA LEU B 81 1.87 21.82 12.53
C LEU B 81 2.02 23.09 13.37
N LYS B 82 3.19 23.31 13.96
CA LYS B 82 3.42 24.52 14.75
C LYS B 82 3.23 25.77 13.90
N ALA B 83 3.63 25.70 12.62
CA ALA B 83 3.44 26.83 11.73
C ALA B 83 1.97 27.19 11.56
N ARG B 84 1.06 26.28 11.88
CA ARG B 84 -0.38 26.54 11.76
C ARG B 84 -1.02 26.75 13.14
N GLY B 85 -0.22 26.96 14.17
CA GLY B 85 -0.72 27.29 15.48
C GLY B 85 -0.92 26.11 16.40
N VAL B 86 -0.58 24.91 15.97
CA VAL B 86 -0.84 23.71 16.75
C VAL B 86 0.22 23.56 17.83
N ASN B 87 -0.21 23.29 19.06
CA ASN B 87 0.70 22.98 20.16
C ASN B 87 1.05 21.49 20.07
N CYS B 88 2.31 21.19 19.75
CA CYS B 88 2.78 19.81 19.67
C CYS B 88 3.64 19.41 20.87
N ASP B 89 3.62 20.20 21.95
CA ASP B 89 4.48 19.92 23.10
C ASP B 89 4.27 18.51 23.62
N HIS B 90 3.03 18.02 23.60
CA HIS B 90 2.69 16.75 24.23
C HIS B 90 2.55 15.61 23.23
N VAL B 91 3.29 15.66 22.13
CA VAL B 91 3.44 14.51 21.26
C VAL B 91 4.56 13.63 21.82
N LEU B 92 4.25 12.38 22.13
CA LEU B 92 5.24 11.44 22.62
C LEU B 92 6.06 10.93 21.43
N ILE B 93 7.37 11.10 21.50
CA ILE B 93 8.28 10.68 20.43
C ILE B 93 8.93 9.37 20.86
N SER B 94 8.60 8.29 20.17
CA SER B 94 9.16 6.99 20.49
C SER B 94 10.67 7.00 20.26
N GLU B 95 11.41 6.40 21.19
CA GLU B 95 12.85 6.26 21.02
C GLU B 95 13.19 5.19 19.99
N THR B 96 12.28 4.27 19.70
CA THR B 96 12.58 3.11 18.86
C THR B 96 11.67 2.97 17.65
N ALA B 97 10.38 3.29 17.77
CA ALA B 97 9.44 3.03 16.70
C ALA B 97 9.38 4.21 15.72
N HIS B 98 8.84 3.93 14.54
CA HIS B 98 8.64 4.94 13.51
C HIS B 98 7.18 5.35 13.46
N THR B 99 6.94 6.54 12.91
CA THR B 99 5.59 7.07 12.81
C THR B 99 4.70 6.12 12.01
N ALA B 100 3.47 5.94 12.49
CA ALA B 100 2.52 5.05 11.82
C ALA B 100 2.45 5.36 10.33
N ARG B 101 2.12 4.34 9.54
CA ARG B 101 2.00 4.53 8.10
C ARG B 101 0.65 4.02 7.61
N PHE B 102 -0.09 4.89 6.95
CA PHE B 102 -1.34 4.54 6.27
C PHE B 102 -1.03 4.45 4.78
N THR B 103 -1.44 3.36 4.15
CA THR B 103 -1.24 3.14 2.72
C THR B 103 -2.61 2.92 2.10
N CYS B 104 -2.94 3.69 1.07
CA CYS B 104 -4.30 3.65 0.55
C CYS B 104 -4.29 3.82 -0.96
N THR B 105 -5.13 3.03 -1.62
CA THR B 105 -5.38 3.17 -3.06
C THR B 105 -6.85 3.52 -3.25
N THR B 106 -7.12 4.63 -3.94
CA THR B 106 -8.47 5.09 -4.22
C THR B 106 -8.78 4.89 -5.71
N ASP B 107 -9.96 4.36 -6.00
CA ASP B 107 -10.34 4.08 -7.38
C ASP B 107 -11.17 5.22 -7.95
N VAL B 108 -11.70 5.02 -9.15
CA VAL B 108 -12.43 6.08 -9.85
C VAL B 108 -13.66 6.52 -9.06
N ASP B 109 -14.32 5.58 -8.39
CA ASP B 109 -15.55 5.86 -7.68
C ASP B 109 -15.32 6.27 -6.23
N MET B 110 -14.10 6.65 -5.87
CA MET B 110 -13.73 7.07 -4.52
C MET B 110 -13.74 5.92 -3.53
N ALA B 111 -13.90 4.69 -4.00
CA ALA B 111 -13.69 3.53 -3.14
C ALA B 111 -12.20 3.40 -2.80
N GLN B 112 -11.93 2.75 -1.67
CA GLN B 112 -10.57 2.71 -1.13
C GLN B 112 -10.22 1.32 -0.62
N ILE B 113 -8.98 0.92 -0.86
CA ILE B 113 -8.38 -0.27 -0.26
C ILE B 113 -7.09 0.17 0.43
N ALA B 114 -6.96 -0.15 1.72
CA ALA B 114 -5.90 0.45 2.50
C ALA B 114 -5.38 -0.52 3.55
N SER B 115 -4.15 -0.26 3.99
CA SER B 115 -3.49 -0.95 5.09
C SER B 115 -2.96 0.10 6.06
N PHE B 116 -2.96 -0.23 7.36
CA PHE B 116 -2.48 0.69 8.38
C PHE B 116 -1.50 -0.03 9.28
N TYR B 117 -0.26 0.50 9.36
CA TYR B 117 0.76 -0.03 10.24
C TYR B 117 0.91 0.90 11.44
N PRO B 118 0.54 0.47 12.65
CA PRO B 118 0.50 1.42 13.78
C PRO B 118 1.86 1.93 14.20
N GLY B 119 2.87 1.07 14.27
CA GLY B 119 4.18 1.50 14.72
C GLY B 119 4.08 2.29 16.02
N ALA B 120 4.72 3.46 16.03
CA ALA B 120 4.80 4.27 17.24
C ALA B 120 3.44 4.57 17.86
N MET B 121 2.36 4.48 17.07
CA MET B 121 1.04 4.78 17.63
C MET B 121 0.78 3.94 18.87
N SER B 122 1.30 2.71 18.89
CA SER B 122 1.05 1.81 20.02
C SER B 122 1.46 2.42 21.35
N GLU B 123 2.41 3.36 21.34
CA GLU B 123 2.91 3.95 22.58
C GLU B 123 2.02 5.06 23.12
N ALA B 124 0.95 5.44 22.40
CA ALA B 124 0.04 6.47 22.91
C ALA B 124 -0.53 6.08 24.27
N ARG B 125 -0.63 4.78 24.55
CA ARG B 125 -1.15 4.31 25.83
C ARG B 125 -0.31 4.79 27.01
N ASN B 126 0.89 5.32 26.76
CA ASN B 126 1.74 5.84 27.83
C ASN B 126 1.52 7.32 28.08
N ILE B 127 0.59 7.95 27.39
CA ILE B 127 0.35 9.37 27.52
C ILE B 127 -0.64 9.60 28.64
N LYS B 128 -0.35 10.59 29.48
CA LYS B 128 -1.20 10.99 30.60
C LYS B 128 -1.80 12.34 30.27
N LEU B 129 -3.13 12.40 30.10
CA LEU B 129 -3.78 13.68 29.88
C LEU B 129 -3.66 14.59 31.09
N ALA B 130 -3.32 14.02 32.25
CA ALA B 130 -3.08 14.86 33.43
C ALA B 130 -1.91 15.81 33.19
N ASP B 131 -0.88 15.35 32.49
CA ASP B 131 0.24 16.22 32.17
C ASP B 131 -0.18 17.34 31.24
N VAL B 132 -1.00 17.03 30.23
CA VAL B 132 -1.48 18.08 29.33
C VAL B 132 -2.30 19.10 30.09
N VAL B 133 -3.16 18.64 31.01
CA VAL B 133 -3.93 19.57 31.83
C VAL B 133 -3.00 20.44 32.67
N SER B 134 -2.06 19.80 33.36
CA SER B 134 -1.11 20.54 34.19
C SER B 134 -0.34 21.56 33.37
N ALA B 135 -0.12 21.30 32.09
CA ALA B 135 0.73 22.16 31.27
C ALA B 135 -0.04 23.28 30.58
N ILE B 136 -1.31 23.07 30.20
CA ILE B 136 -2.02 24.08 29.43
C ILE B 136 -3.47 24.22 29.85
N GLY B 137 -3.77 23.96 31.12
CA GLY B 137 -5.11 24.13 31.62
C GLY B 137 -6.06 23.03 31.15
N LYS B 138 -7.22 22.92 31.78
CA LYS B 138 -8.20 21.93 31.35
C LYS B 138 -8.65 22.23 29.92
N PRO B 139 -8.60 21.27 29.01
CA PRO B 139 -9.10 21.53 27.65
C PRO B 139 -10.60 21.74 27.62
N GLU B 140 -11.03 22.64 26.73
CA GLU B 140 -12.45 22.79 26.45
C GLU B 140 -13.08 21.48 26.01
N LEU B 141 -12.33 20.69 25.23
CA LEU B 141 -12.84 19.44 24.69
C LEU B 141 -11.65 18.54 24.37
N VAL B 142 -11.80 17.25 24.65
CA VAL B 142 -10.82 16.25 24.26
C VAL B 142 -11.46 15.36 23.21
N ILE B 143 -10.81 15.23 22.06
CA ILE B 143 -11.28 14.37 20.99
C ILE B 143 -10.62 13.00 21.17
N ILE B 144 -11.41 11.99 21.48
CA ILE B 144 -10.91 10.61 21.58
C ILE B 144 -11.04 10.03 20.19
N GLY B 145 -10.01 10.27 19.36
CA GLY B 145 -10.00 9.79 18.00
C GLY B 145 -9.34 8.44 17.86
N ALA B 146 -9.45 7.87 16.66
CA ALA B 146 -8.85 6.57 16.37
C ALA B 146 -7.38 6.59 16.79
N ASN B 147 -6.97 5.56 17.53
CA ASN B 147 -5.68 5.55 18.21
C ASN B 147 -5.35 4.12 18.60
N ASP B 148 -4.25 3.96 19.32
CA ASP B 148 -4.02 2.71 20.04
C ASP B 148 -5.25 2.40 20.90
N PRO B 149 -5.86 1.22 20.74
CA PRO B 149 -7.12 0.95 21.48
C PRO B 149 -7.04 1.20 22.97
N GLU B 150 -5.97 0.72 23.61
CA GLU B 150 -5.81 0.94 25.04
C GLU B 150 -5.68 2.43 25.34
N ALA B 151 -4.99 3.17 24.46
CA ALA B 151 -4.89 4.61 24.64
C ALA B 151 -6.26 5.26 24.55
N MET B 152 -7.09 4.82 23.61
CA MET B 152 -8.45 5.35 23.51
C MET B 152 -9.21 5.14 24.81
N PHE B 153 -9.16 3.92 25.34
CA PHE B 153 -9.87 3.63 26.58
C PHE B 153 -9.31 4.48 27.73
N LEU B 154 -7.99 4.51 27.89
CA LEU B 154 -7.40 5.22 29.02
C LEU B 154 -7.64 6.71 28.92
N HIS B 155 -7.61 7.27 27.70
CA HIS B 155 -7.93 8.68 27.51
C HIS B 155 -9.38 8.96 27.91
N THR B 156 -10.31 8.12 27.48
CA THR B 156 -11.71 8.34 27.85
C THR B 156 -11.89 8.26 29.37
N GLU B 157 -11.24 7.28 30.01
CA GLU B 157 -11.35 7.14 31.46
C GLU B 157 -10.77 8.34 32.18
N GLU B 158 -9.61 8.83 31.71
CA GLU B 158 -9.01 10.00 32.32
C GLU B 158 -9.89 11.23 32.15
N CYS B 159 -10.50 11.40 30.98
CA CYS B 159 -11.45 12.50 30.81
C CYS B 159 -12.60 12.38 31.80
N ARG B 160 -13.16 11.18 31.95
CA ARG B 160 -14.26 10.99 32.89
C ARG B 160 -13.85 11.36 34.30
N LYS B 161 -12.66 10.93 34.73
CA LYS B 161 -12.29 11.13 36.13
C LYS B 161 -11.86 12.57 36.39
N LEU B 162 -11.19 13.22 35.44
CA LEU B 162 -10.79 14.61 35.62
C LEU B 162 -11.90 15.58 35.27
N GLY B 163 -13.04 15.09 34.79
CA GLY B 163 -14.16 15.97 34.49
C GLY B 163 -14.06 16.69 33.17
N LEU B 164 -13.35 16.12 32.20
CA LEU B 164 -13.17 16.77 30.90
C LEU B 164 -14.25 16.31 29.94
N ALA B 165 -14.91 17.26 29.29
CA ALA B 165 -15.83 16.92 28.22
C ALA B 165 -15.05 16.31 27.06
N PHE B 166 -15.59 15.25 26.47
CA PHE B 166 -14.88 14.55 25.41
C PHE B 166 -15.84 14.21 24.27
N ALA B 167 -15.25 14.00 23.11
CA ALA B 167 -15.96 13.57 21.91
C ALA B 167 -15.47 12.17 21.54
N ALA B 168 -16.37 11.21 21.52
CA ALA B 168 -16.05 9.86 21.06
C ALA B 168 -15.99 9.87 19.53
N ASP B 169 -14.84 9.51 18.97
CA ASP B 169 -14.59 9.64 17.53
C ASP B 169 -13.80 8.43 17.05
N PRO B 170 -14.33 7.23 17.27
CA PRO B 170 -13.51 6.03 17.01
C PRO B 170 -13.29 5.74 15.53
N SER B 171 -14.16 6.23 14.66
CA SER B 171 -14.13 5.97 13.22
C SER B 171 -13.35 4.74 12.82
N GLN B 172 -12.14 4.92 12.30
CA GLN B 172 -11.42 3.84 11.62
C GLN B 172 -11.22 2.62 12.51
N GLN B 173 -11.09 2.83 13.82
CA GLN B 173 -10.78 1.72 14.72
C GLN B 173 -12.02 0.97 15.19
N LEU B 174 -13.22 1.39 14.78
CA LEU B 174 -14.43 0.70 15.22
C LEU B 174 -14.43 -0.77 14.81
N ALA B 175 -13.87 -1.09 13.64
CA ALA B 175 -13.82 -2.47 13.20
C ALA B 175 -12.90 -3.31 14.07
N ARG B 176 -11.83 -2.70 14.59
CA ARG B 176 -10.90 -3.43 15.45
C ARG B 176 -11.49 -3.65 16.83
N LEU B 177 -12.04 -2.59 17.44
CA LEU B 177 -12.50 -2.66 18.81
C LEU B 177 -13.63 -3.67 18.95
N SER B 178 -13.67 -4.33 20.10
CA SER B 178 -14.76 -5.25 20.41
C SER B 178 -15.98 -4.48 20.89
N GLY B 179 -17.10 -5.19 21.03
CA GLY B 179 -18.32 -4.56 21.48
C GLY B 179 -18.17 -3.90 22.84
N GLU B 180 -17.55 -4.61 23.79
CA GLU B 180 -17.35 -4.04 25.12
C GLU B 180 -16.41 -2.84 25.07
N GLU B 181 -15.33 -2.95 24.29
CA GLU B 181 -14.42 -1.82 24.14
C GLU B 181 -15.15 -0.59 23.61
N ILE B 182 -16.05 -0.78 22.64
CA ILE B 182 -16.80 0.34 22.11
C ILE B 182 -17.74 0.90 23.16
N ARG B 183 -18.47 0.02 23.86
CA ARG B 183 -19.39 0.48 24.90
C ARG B 183 -18.66 1.33 25.94
N ARG B 184 -17.41 0.99 26.25
CA ARG B 184 -16.67 1.75 27.25
C ARG B 184 -16.24 3.13 26.76
N LEU B 185 -16.33 3.41 25.46
CA LEU B 185 -15.89 4.69 24.92
C LEU B 185 -17.01 5.72 24.78
N VAL B 186 -18.27 5.32 24.98
CA VAL B 186 -19.41 6.15 24.59
C VAL B 186 -19.96 6.96 25.77
N ASN B 187 -20.15 6.33 26.92
CA ASN B 187 -20.90 6.96 28.00
C ASN B 187 -20.28 8.29 28.41
N GLY B 188 -21.11 9.32 28.53
CA GLY B 188 -20.67 10.62 28.97
C GLY B 188 -20.14 11.54 27.89
N ALA B 189 -20.07 11.07 26.65
CA ALA B 189 -19.51 11.87 25.57
C ALA B 189 -20.40 13.09 25.31
N ALA B 190 -19.77 14.24 25.14
CA ALA B 190 -20.49 15.42 24.67
C ALA B 190 -20.87 15.27 23.19
N TYR B 191 -20.07 14.54 22.43
CA TYR B 191 -20.35 14.27 21.03
C TYR B 191 -19.99 12.82 20.72
N LEU B 192 -20.77 12.22 19.81
CA LEU B 192 -20.40 10.97 19.16
C LEU B 192 -20.33 11.26 17.67
N PHE B 193 -19.14 11.08 17.07
CA PHE B 193 -18.96 11.26 15.64
C PHE B 193 -18.79 9.91 14.96
N THR B 194 -19.60 9.64 13.95
CA THR B 194 -19.40 8.51 13.06
C THR B 194 -19.96 8.87 11.68
N ASN B 195 -19.63 8.07 10.69
CA ASN B 195 -20.40 8.06 9.44
C ASN B 195 -21.52 7.02 9.58
N ASP B 196 -22.41 6.98 8.60
CA ASP B 196 -23.61 6.16 8.76
C ASP B 196 -23.28 4.67 8.82
N TYR B 197 -22.35 4.22 7.99
CA TYR B 197 -21.91 2.82 8.07
C TYR B 197 -21.33 2.53 9.45
N GLU B 198 -20.48 3.43 9.95
CA GLU B 198 -19.90 3.25 11.28
C GLU B 198 -20.98 3.30 12.35
N TRP B 199 -22.01 4.13 12.17
CA TRP B 199 -23.11 4.17 13.13
C TRP B 199 -23.79 2.81 13.23
N ASP B 200 -24.14 2.23 12.08
CA ASP B 200 -24.79 0.93 12.08
C ASP B 200 -23.88 -0.15 12.66
N LEU B 201 -22.59 -0.11 12.32
CA LEU B 201 -21.65 -1.09 12.85
C LEU B 201 -21.51 -0.95 14.37
N LEU B 202 -21.45 0.29 14.87
CA LEU B 202 -21.38 0.53 16.30
C LEU B 202 -22.59 -0.07 17.00
N LEU B 203 -23.79 0.19 16.47
CA LEU B 203 -24.99 -0.38 17.08
C LEU B 203 -24.92 -1.91 17.08
N SER B 204 -24.57 -2.51 15.94
CA SER B 204 -24.59 -3.96 15.83
C SER B 204 -23.57 -4.60 16.75
N LYS B 205 -22.40 -3.97 16.92
CA LYS B 205 -21.34 -4.58 17.73
C LYS B 205 -21.57 -4.37 19.22
N THR B 206 -22.13 -3.22 19.62
CA THR B 206 -22.41 -2.99 21.03
C THR B 206 -23.69 -3.67 21.49
N GLY B 207 -24.58 -4.02 20.57
CA GLY B 207 -25.90 -4.50 20.94
C GLY B 207 -26.83 -3.42 21.41
N TRP B 208 -26.40 -2.17 21.42
CA TRP B 208 -27.24 -1.07 21.87
C TRP B 208 -28.23 -0.66 20.78
N SER B 209 -29.35 -0.10 21.20
CA SER B 209 -30.27 0.52 20.28
C SER B 209 -29.91 1.99 20.12
N GLU B 210 -30.50 2.62 19.10
CA GLU B 210 -30.39 4.06 18.94
C GLU B 210 -30.69 4.76 20.26
N ALA B 211 -31.78 4.38 20.92
CA ALA B 211 -32.15 5.00 22.18
C ALA B 211 -31.11 4.72 23.26
N ASP B 212 -30.62 3.47 23.35
CA ASP B 212 -29.58 3.15 24.32
C ASP B 212 -28.40 4.09 24.16
N VAL B 213 -27.99 4.37 22.93
CA VAL B 213 -26.86 5.26 22.71
C VAL B 213 -27.22 6.70 23.09
N MET B 214 -28.34 7.20 22.57
CA MET B 214 -28.68 8.60 22.78
C MET B 214 -28.89 8.92 24.26
N ALA B 215 -29.25 7.92 25.06
CA ALA B 215 -29.42 8.15 26.48
C ALA B 215 -28.11 8.48 27.19
N GLN B 216 -26.97 8.19 26.55
CA GLN B 216 -25.67 8.33 27.19
C GLN B 216 -24.83 9.50 26.68
N ILE B 217 -25.27 10.18 25.63
CA ILE B 217 -24.47 11.23 25.00
C ILE B 217 -25.30 12.50 24.89
N ASP B 218 -24.60 13.61 24.69
CA ASP B 218 -25.25 14.90 24.53
C ASP B 218 -25.66 15.20 23.10
N LEU B 219 -24.97 14.61 22.12
CA LEU B 219 -25.31 14.86 20.72
C LEU B 219 -24.69 13.77 19.85
N ARG B 220 -25.46 13.30 18.88
CA ARG B 220 -24.96 12.38 17.87
C ARG B 220 -24.75 13.11 16.56
N VAL B 221 -23.54 12.98 16.01
CA VAL B 221 -23.20 13.57 14.71
C VAL B 221 -22.88 12.43 13.76
N THR B 222 -23.68 12.27 12.72
CA THR B 222 -23.54 11.17 11.77
C THR B 222 -23.39 11.74 10.37
N THR B 223 -22.20 11.58 9.79
CA THR B 223 -21.97 12.02 8.43
C THR B 223 -22.55 11.01 7.45
N LEU B 224 -22.96 11.51 6.27
CA LEU B 224 -23.73 10.72 5.32
C LEU B 224 -23.13 10.79 3.92
N GLY B 225 -21.84 11.06 3.81
CA GLY B 225 -21.21 11.20 2.51
C GLY B 225 -21.90 12.25 1.66
N PRO B 226 -22.42 11.85 0.50
CA PRO B 226 -23.06 12.84 -0.39
C PRO B 226 -24.35 13.41 0.16
N LYS B 227 -24.96 12.78 1.16
CA LYS B 227 -26.21 13.27 1.71
C LYS B 227 -26.01 14.23 2.88
N GLY B 228 -24.78 14.57 3.22
CA GLY B 228 -24.52 15.60 4.21
C GLY B 228 -24.27 15.02 5.59
N VAL B 229 -24.96 15.56 6.59
CA VAL B 229 -24.71 15.20 7.98
C VAL B 229 -26.00 15.40 8.78
N ASP B 230 -26.18 14.54 9.78
CA ASP B 230 -27.26 14.63 10.75
C ASP B 230 -26.67 14.99 12.11
N LEU B 231 -27.34 15.91 12.80
CA LEU B 231 -27.02 16.25 14.19
C LEU B 231 -28.29 16.01 15.00
N VAL B 232 -28.24 15.00 15.86
CA VAL B 232 -29.43 14.45 16.51
C VAL B 232 -29.25 14.58 18.02
N GLU B 233 -30.18 15.27 18.67
CA GLU B 233 -30.20 15.41 20.11
C GLU B 233 -30.92 14.22 20.76
N PRO B 234 -30.70 14.00 22.05
CA PRO B 234 -31.35 12.85 22.69
C PRO B 234 -32.86 12.87 22.64
N ASP B 235 -33.48 14.06 22.61
CA ASP B 235 -34.93 14.14 22.54
C ASP B 235 -35.46 14.02 21.12
N GLY B 236 -34.61 13.64 20.16
CA GLY B 236 -35.03 13.47 18.79
C GLY B 236 -34.88 14.68 17.90
N THR B 237 -34.61 15.85 18.47
CA THR B 237 -34.42 17.05 17.66
C THR B 237 -33.27 16.84 16.69
N THR B 238 -33.56 16.97 15.39
CA THR B 238 -32.62 16.62 14.33
C THR B 238 -32.41 17.79 13.39
N ILE B 239 -31.15 18.09 13.11
CA ILE B 239 -30.75 19.06 12.10
C ILE B 239 -30.05 18.28 11.00
N HIS B 240 -30.53 18.43 9.77
CA HIS B 240 -29.89 17.85 8.60
C HIS B 240 -29.23 18.97 7.80
N VAL B 241 -27.96 18.80 7.47
CA VAL B 241 -27.23 19.78 6.66
C VAL B 241 -26.70 19.06 5.43
N GLY B 242 -27.14 19.50 4.26
CA GLY B 242 -26.63 18.95 3.03
C GLY B 242 -25.22 19.43 2.75
N VAL B 243 -24.57 18.72 1.82
CA VAL B 243 -23.17 18.98 1.54
C VAL B 243 -23.00 20.34 0.89
N VAL B 244 -21.79 20.86 0.98
CA VAL B 244 -21.31 21.88 0.03
C VAL B 244 -20.93 21.09 -1.21
N PRO B 245 -21.73 21.11 -2.28
CA PRO B 245 -21.51 20.17 -3.39
C PRO B 245 -20.12 20.28 -3.98
N GLU B 246 -19.52 19.13 -4.25
CA GLU B 246 -18.17 19.08 -4.78
C GLU B 246 -18.17 19.46 -6.26
N THR B 247 -17.04 20.02 -6.71
CA THR B 247 -16.82 20.28 -8.12
C THR B 247 -15.53 19.66 -8.65
N SER B 248 -14.65 19.16 -7.79
CA SER B 248 -13.40 18.55 -8.24
C SER B 248 -12.92 17.52 -7.22
N GLN B 249 -13.82 16.64 -6.79
CA GLN B 249 -13.45 15.61 -5.83
C GLN B 249 -12.35 14.73 -6.40
N THR B 250 -11.45 14.28 -5.52
CA THR B 250 -10.28 13.52 -5.97
C THR B 250 -9.91 12.40 -5.01
N ASP B 251 -9.95 12.65 -3.71
CA ASP B 251 -9.56 11.64 -2.73
C ASP B 251 -10.33 11.85 -1.44
N PRO B 252 -11.09 10.85 -0.96
CA PRO B 252 -11.92 11.05 0.23
C PRO B 252 -11.18 10.89 1.55
N THR B 253 -9.87 10.67 1.52
CA THR B 253 -9.12 10.49 2.76
C THR B 253 -9.15 11.77 3.59
N GLY B 254 -9.49 11.64 4.87
CA GLY B 254 -9.48 12.76 5.78
C GLY B 254 -10.71 13.61 5.76
N VAL B 255 -11.72 13.27 4.96
CA VAL B 255 -12.92 14.11 4.86
C VAL B 255 -13.65 14.19 6.20
N GLY B 256 -13.77 13.04 6.89
CA GLY B 256 -14.43 13.06 8.19
C GLY B 256 -13.68 13.88 9.21
N ASP B 257 -12.35 13.71 9.27
CA ASP B 257 -11.53 14.54 10.14
C ASP B 257 -11.76 16.01 9.86
N ALA B 258 -11.75 16.38 8.57
CA ALA B 258 -11.96 17.77 8.20
C ALA B 258 -13.32 18.27 8.68
N PHE B 259 -14.37 17.46 8.51
CA PHE B 259 -15.68 17.90 8.96
C PHE B 259 -15.68 18.12 10.47
N ARG B 260 -15.16 17.14 11.21
CA ARG B 260 -15.11 17.28 12.67
C ARG B 260 -14.38 18.53 13.08
N ALA B 261 -13.26 18.84 12.41
CA ALA B 261 -12.47 20.02 12.75
C ALA B 261 -13.26 21.30 12.48
N GLY B 262 -13.82 21.43 11.29
CA GLY B 262 -14.61 22.62 10.99
C GLY B 262 -15.77 22.78 11.96
N PHE B 263 -16.50 21.70 12.20
CA PHE B 263 -17.64 21.75 13.10
C PHE B 263 -17.22 22.17 14.51
N LEU B 264 -16.18 21.56 15.05
CA LEU B 264 -15.77 21.86 16.41
C LEU B 264 -15.15 23.24 16.52
N THR B 265 -14.45 23.71 15.48
CA THR B 265 -13.99 25.09 15.47
C THR B 265 -15.16 26.06 15.51
N GLY B 266 -16.21 25.78 14.72
CA GLY B 266 -17.40 26.62 14.77
C GLY B 266 -18.04 26.62 16.14
N ARG B 267 -18.15 25.45 16.77
CA ARG B 267 -18.72 25.38 18.11
C ARG B 267 -17.88 26.18 19.10
N SER B 268 -16.56 26.01 19.04
CA SER B 268 -15.66 26.73 19.92
C SER B 268 -15.75 28.23 19.70
N ALA B 269 -16.08 28.65 18.47
CA ALA B 269 -16.29 30.06 18.17
C ALA B 269 -17.68 30.55 18.56
N GLY B 270 -18.54 29.69 19.08
CA GLY B 270 -19.85 30.10 19.54
C GLY B 270 -20.98 29.98 18.54
N LEU B 271 -20.74 29.37 17.38
CA LEU B 271 -21.79 29.17 16.40
C LEU B 271 -22.74 28.05 16.84
N GLY B 272 -23.97 28.12 16.35
CA GLY B 272 -24.93 27.07 16.59
C GLY B 272 -24.56 25.79 15.88
N LEU B 273 -25.38 24.76 16.12
CA LEU B 273 -25.10 23.45 15.55
C LEU B 273 -25.17 23.47 14.03
N GLU B 274 -26.23 24.08 13.47
CA GLU B 274 -26.38 24.10 12.02
C GLU B 274 -25.26 24.89 11.36
N ARG B 275 -24.94 26.06 11.91
CA ARG B 275 -23.87 26.87 11.33
C ARG B 275 -22.52 26.16 11.40
N SER B 276 -22.23 25.57 12.57
CA SER B 276 -20.98 24.81 12.71
C SER B 276 -20.92 23.67 11.72
N ALA B 277 -22.04 22.97 11.52
CA ALA B 277 -22.07 21.86 10.57
C ALA B 277 -21.89 22.36 9.13
N GLN B 278 -22.40 23.55 8.82
CA GLN B 278 -22.16 24.13 7.50
C GLN B 278 -20.67 24.43 7.30
N LEU B 279 -20.01 24.98 8.31
CA LEU B 279 -18.57 25.19 8.22
C LEU B 279 -17.82 23.88 8.06
N GLY B 280 -18.19 22.88 8.86
CA GLY B 280 -17.56 21.57 8.72
C GLY B 280 -17.76 21.00 7.34
N SER B 281 -18.94 21.19 6.75
CA SER B 281 -19.19 20.72 5.40
C SER B 281 -18.25 21.39 4.41
N LEU B 282 -18.01 22.69 4.59
CA LEU B 282 -17.06 23.37 3.71
C LEU B 282 -15.67 22.77 3.82
N VAL B 283 -15.16 22.63 5.05
CA VAL B 283 -13.80 22.10 5.21
C VAL B 283 -13.73 20.68 4.63
N ALA B 284 -14.80 19.91 4.81
CA ALA B 284 -14.82 18.54 4.31
C ALA B 284 -14.74 18.49 2.80
N VAL B 285 -15.47 19.37 2.11
CA VAL B 285 -15.39 19.33 0.65
C VAL B 285 -14.02 19.80 0.18
N LEU B 286 -13.42 20.78 0.88
CA LEU B 286 -12.08 21.21 0.50
C LEU B 286 -11.08 20.06 0.61
N VAL B 287 -11.24 19.22 1.64
CA VAL B 287 -10.35 18.06 1.76
C VAL B 287 -10.68 17.03 0.68
N LEU B 288 -11.96 16.81 0.40
CA LEU B 288 -12.36 15.88 -0.66
C LEU B 288 -11.73 16.27 -1.99
N GLU B 289 -11.56 17.57 -2.23
CA GLU B 289 -11.01 18.08 -3.47
C GLU B 289 -9.50 18.23 -3.43
N SER B 290 -8.85 17.66 -2.42
CA SER B 290 -7.39 17.59 -2.34
C SER B 290 -6.98 16.14 -2.15
N THR B 291 -5.74 15.83 -2.53
CA THR B 291 -5.25 14.45 -2.38
C THR B 291 -4.90 14.17 -0.92
N GLY B 292 -3.91 14.86 -0.38
CA GLY B 292 -3.58 14.70 1.01
C GLY B 292 -4.64 15.28 1.93
N THR B 293 -4.65 14.79 3.17
CA THR B 293 -5.64 15.24 4.14
C THR B 293 -5.38 16.67 4.62
N GLN B 294 -4.14 17.15 4.49
CA GLN B 294 -3.77 18.51 4.91
C GLN B 294 -3.23 19.32 3.73
N GLU B 295 -3.59 18.94 2.51
CA GLU B 295 -3.14 19.62 1.30
C GLU B 295 -4.11 20.73 0.87
N TRP B 296 -5.22 20.89 1.57
CA TRP B 296 -6.19 21.92 1.23
C TRP B 296 -5.71 23.29 1.69
N GLN B 297 -6.32 24.31 1.11
CA GLN B 297 -5.93 25.70 1.34
C GLN B 297 -7.17 26.47 1.78
N TRP B 298 -6.99 27.39 2.72
CA TRP B 298 -8.09 28.19 3.23
C TRP B 298 -8.13 29.51 2.45
N ASP B 299 -9.18 29.70 1.67
CA ASP B 299 -9.44 30.93 0.92
C ASP B 299 -10.72 31.53 1.47
N TYR B 300 -10.61 32.69 2.13
CA TYR B 300 -11.76 33.30 2.77
C TYR B 300 -12.87 33.59 1.77
N GLU B 301 -12.52 34.12 0.59
CA GLU B 301 -13.53 34.53 -0.38
C GLU B 301 -14.20 33.33 -1.02
N ALA B 302 -13.41 32.32 -1.42
CA ALA B 302 -14.00 31.10 -1.97
C ALA B 302 -14.88 30.43 -0.92
N ALA B 303 -14.46 30.47 0.35
CA ALA B 303 -15.26 29.89 1.42
C ALA B 303 -16.60 30.59 1.52
N ALA B 304 -16.58 31.92 1.62
CA ALA B 304 -17.83 32.67 1.68
C ALA B 304 -18.71 32.34 0.48
N SER B 305 -18.12 32.28 -0.71
CA SER B 305 -18.91 32.05 -1.92
C SER B 305 -19.61 30.68 -1.87
N ARG B 306 -18.86 29.62 -1.57
CA ARG B 306 -19.46 28.29 -1.61
C ARG B 306 -20.43 28.07 -0.46
N LEU B 307 -20.12 28.63 0.72
CA LEU B 307 -21.07 28.60 1.82
C LEU B 307 -22.36 29.29 1.43
N ALA B 308 -22.27 30.47 0.81
CA ALA B 308 -23.48 31.19 0.42
C ALA B 308 -24.27 30.41 -0.62
N GLY B 309 -23.58 29.89 -1.64
CA GLY B 309 -24.26 29.10 -2.64
C GLY B 309 -25.02 27.94 -2.04
N ALA B 310 -24.45 27.31 -1.01
CA ALA B 310 -25.10 26.11 -0.47
C ALA B 310 -26.18 26.45 0.56
N TYR B 311 -25.95 27.45 1.42
CA TYR B 311 -26.75 27.65 2.61
C TYR B 311 -27.36 29.04 2.76
N GLY B 312 -26.98 30.00 1.93
CA GLY B 312 -27.56 31.33 2.00
C GLY B 312 -26.53 32.38 2.42
N GLU B 313 -26.75 33.60 1.94
CA GLU B 313 -25.81 34.69 2.20
C GLU B 313 -25.67 34.97 3.69
N HIS B 314 -26.80 34.95 4.43
CA HIS B 314 -26.71 35.26 5.86
C HIS B 314 -25.93 34.19 6.61
N ALA B 315 -26.20 32.91 6.30
CA ALA B 315 -25.45 31.84 6.94
C ALA B 315 -23.96 31.97 6.66
N ALA B 316 -23.61 32.23 5.39
CA ALA B 316 -22.20 32.38 5.03
C ALA B 316 -21.58 33.55 5.78
N ALA B 317 -22.29 34.67 5.88
CA ALA B 317 -21.76 35.83 6.58
C ALA B 317 -21.54 35.52 8.05
N GLU B 318 -22.52 34.88 8.70
CA GLU B 318 -22.37 34.52 10.10
C GLU B 318 -21.14 33.64 10.30
N ILE B 319 -20.97 32.63 9.44
CA ILE B 319 -19.84 31.72 9.60
C ILE B 319 -18.53 32.46 9.42
N VAL B 320 -18.36 33.16 8.29
CA VAL B 320 -17.08 33.78 8.00
C VAL B 320 -16.76 34.90 9.00
N ALA B 321 -17.77 35.45 9.68
CA ALA B 321 -17.49 36.49 10.66
C ALA B 321 -16.58 35.99 11.77
N VAL B 322 -16.74 34.72 12.19
CA VAL B 322 -15.98 34.19 13.32
C VAL B 322 -14.71 33.50 12.84
O5' 5ID C . 7.90 -10.67 -8.71
C5' 5ID C . 7.88 -9.79 -7.59
C4' 5ID C . 8.35 -8.41 -7.97
O4' 5ID C . 7.52 -7.90 -9.03
C1' 5ID C . 7.47 -6.51 -8.97
N9 5ID C . 6.19 -6.13 -9.57
C8 5ID C . 4.99 -6.32 -9.01
C7 5ID C . 4.01 -5.89 -9.93
C5 5ID C . 4.69 -5.43 -11.10
C6 5ID C . 4.30 -4.88 -12.37
N1 5ID C . 5.24 -4.56 -13.26
C2 5ID C . 6.54 -4.74 -12.98
N3 5ID C . 6.96 -5.25 -11.81
C4 5ID C . 6.05 -5.60 -10.86
N6 5ID C . 2.90 -4.68 -12.68
C2' 5ID C . 7.67 -6.12 -7.50
O2' 5ID C . 8.44 -4.94 -7.39
C3' 5ID C . 8.33 -7.36 -6.86
O3' 5ID C . 9.67 -7.06 -6.48
IAE 5ID C . 1.92 -5.93 -9.61
O5' 5ID D . 4.02 -19.69 -5.11
C5' 5ID D . 3.38 -19.24 -3.91
C4' 5ID D . 2.21 -20.12 -3.55
O4' 5ID D . 2.59 -21.50 -3.72
C1' 5ID D . 2.84 -22.10 -2.46
N9 5ID D . 4.21 -22.59 -2.49
C8 5ID D . 5.10 -22.03 -3.30
C7 5ID D . 6.33 -22.69 -3.13
C5 5ID D . 6.14 -23.72 -2.16
C6 5ID D . 6.97 -24.72 -1.54
N1 5ID D . 6.43 -25.55 -0.64
C2 5ID D . 5.14 -25.44 -0.30
N3 5ID D . 4.34 -24.52 -0.83
C4 5ID D . 4.80 -23.64 -1.76
N6 5ID D . 8.36 -24.86 -1.90
C2' 5ID D . 2.62 -21.01 -1.39
O2' 5ID D . 2.02 -21.54 -0.22
C3' 5ID D . 1.74 -20.00 -2.11
O3' 5ID D . 0.37 -20.39 -2.04
IAE 5ID D . 8.08 -22.17 -4.17
NA NA E . 9.29 -13.29 -0.40
C1 GOL F . -1.28 -2.60 -0.39
O1 GOL F . -1.78 -3.83 0.05
C2 GOL F . -2.43 -1.82 -1.03
O2 GOL F . -1.98 -1.30 -2.25
C3 GOL F . -2.92 -0.64 -0.18
O3 GOL F . -3.70 0.18 -1.01
S SO4 G . 4.59 -16.04 -9.27
O1 SO4 G . 3.21 -16.15 -8.82
O2 SO4 G . 4.63 -15.32 -10.54
O3 SO4 G . 5.14 -17.38 -9.44
O4 SO4 G . 5.38 -15.31 -8.27
O5' 5ID H . -9.13 9.90 8.47
C5' 5ID H . -8.02 9.70 7.59
C4' 5ID H . -6.76 9.43 8.36
O4' 5ID H . -6.95 8.27 9.19
C1' 5ID H . -5.71 7.64 9.40
N9 5ID H . -6.02 6.23 9.65
C8 5ID H . -6.46 5.37 8.73
C7 5ID H . -6.72 4.14 9.37
C5 5ID H . -6.42 4.31 10.77
C6 5ID H . -6.47 3.47 11.94
N1 5ID H . -6.12 3.98 13.11
C2 5ID H . -5.73 5.26 13.21
N3 5ID H . -5.66 6.07 12.15
C4 5ID H . -6.01 5.62 10.92
N6 5ID H . -6.90 2.09 11.83
C2' 5ID H . -4.85 7.92 8.17
O2' 5ID H . -3.50 8.12 8.53
C3' 5ID H . -5.52 9.15 7.51
O3' 5ID H . -4.63 10.27 7.60
IAE 5ID H . -7.42 2.37 8.42
O5' 5ID I . -16.82 10.00 1.78
C5' 5ID I . -16.45 10.12 0.42
C4' 5ID I . -17.65 10.03 -0.48
O4' 5ID I . -18.75 10.77 0.10
C1' 5ID I . -19.43 11.50 -0.88
N9 5ID I . -19.24 12.93 -0.60
C8 5ID I . -18.62 13.33 0.51
C7 5ID I . -18.60 14.74 0.50
C5 5ID I . -19.26 15.18 -0.70
C6 5ID I . -19.56 16.45 -1.30
N1 5ID I . -20.22 16.50 -2.47
C2 5ID I . -20.58 15.35 -3.08
N3 5ID I . -20.31 14.14 -2.57
C4 5ID I . -19.65 14.02 -1.37
N6 5ID I . -19.17 17.67 -0.62
C2' 5ID I . -18.89 11.07 -2.25
O2' 5ID I . -19.64 9.96 -2.70
C3' 5ID I . -17.47 10.64 -1.88
O3' 5ID I . -16.90 9.73 -2.80
IAE 5ID I . -17.74 15.93 2.01
NA NA J . -8.30 13.93 0.58
S SO4 K . -15.29 9.52 6.65
O1 SO4 K . -16.19 10.68 6.62
O2 SO4 K . -13.95 9.93 6.27
O3 SO4 K . -15.80 8.51 5.73
O4 SO4 K . -15.27 8.95 8.00
#